data_1IQC
#
_entry.id   1IQC
#
_cell.length_a   88.134
_cell.length_b   55.111
_cell.length_c   144.000
_cell.angle_alpha   90
_cell.angle_beta   103.60
_cell.angle_gamma   90
#
_symmetry.space_group_name_H-M   'P 1 21 1'
#
loop_
_entity.id
_entity.type
_entity.pdbx_description
1 polymer 'di-heme peroxidase'
2 non-polymer 'CALCIUM ION'
3 non-polymer 'MAGNESIUM ION'
4 non-polymer 'HEME C'
5 non-polymer GLYCEROL
6 water water
#
_entity_poly.entity_id   1
_entity_poly.type   'polypeptide(L)'
_entity_poly.pdbx_seq_one_letter_code
;ANEPIQPIKAVTPENADMAELGKMLFFDPRLSKSGFISCNSCHNLSMGGTDNITTSIGHKWQQGPINAPTVLNSSMNLAQ
FWDGRAKDLKEQAAGPIANPKEMASTHEIAEKVVASMPQYRERFKKVFGSDEVTIDRITTAIAQFEETLVTPGSKFDKWL
EGDKNALNQDELEGYNLFKGSGCVQCHNGPAVGGSSYQKMGVFKPYETKNPAAGRMDVTGNEADRNVFKVPTLRNIELTY
PYFHDGGAATLEQAVETMGRIQLNREFNKDEVSKIVAFLKTLTGDQPDFKLPILPPSNNDTPRSQPYE
;
_entity_poly.pdbx_strand_id   A,B,C,D
#
# COMPACT_ATOMS: atom_id res chain seq x y z
N ALA A 1 -13.29 -30.27 5.44
CA ALA A 1 -13.37 -28.96 6.15
C ALA A 1 -12.48 -28.97 7.39
N ASN A 2 -11.98 -30.15 7.72
CA ASN A 2 -11.11 -30.31 8.88
C ASN A 2 -9.86 -31.14 8.55
N GLU A 3 -9.24 -30.84 7.42
CA GLU A 3 -8.04 -31.54 7.02
C GLU A 3 -6.93 -31.26 8.03
N PRO A 4 -5.95 -32.16 8.15
CA PRO A 4 -4.84 -31.98 9.09
C PRO A 4 -3.89 -30.84 8.67
N ILE A 5 -4.03 -30.40 7.43
CA ILE A 5 -3.23 -29.32 6.89
C ILE A 5 -4.16 -28.18 6.52
N GLN A 6 -3.73 -26.95 6.79
CA GLN A 6 -4.52 -25.77 6.47
C GLN A 6 -3.72 -24.89 5.50
N PRO A 7 -4.41 -24.08 4.69
CA PRO A 7 -3.76 -23.19 3.72
C PRO A 7 -2.93 -22.09 4.35
N ILE A 8 -1.93 -21.63 3.61
CA ILE A 8 -1.06 -20.54 4.05
C ILE A 8 -1.69 -19.24 3.56
N LYS A 9 -1.74 -18.22 4.41
CA LYS A 9 -2.34 -16.96 4.02
C LYS A 9 -1.30 -15.84 3.91
N ALA A 10 -1.49 -14.96 2.93
CA ALA A 10 -0.58 -13.85 2.69
C ALA A 10 -0.31 -13.07 3.98
N VAL A 11 0.91 -12.55 4.09
CA VAL A 11 1.30 -11.77 5.27
C VAL A 11 1.73 -10.36 4.92
N THR A 12 0.94 -9.38 5.34
CA THR A 12 1.27 -7.99 5.10
C THR A 12 2.09 -7.53 6.30
N PRO A 13 3.29 -6.99 6.06
CA PRO A 13 4.20 -6.52 7.11
C PRO A 13 3.55 -5.55 8.09
N GLU A 14 3.74 -5.80 9.39
CA GLU A 14 3.18 -4.91 10.39
C GLU A 14 3.83 -3.55 10.16
N ASN A 15 5.08 -3.58 9.73
CA ASN A 15 5.84 -2.37 9.44
C ASN A 15 6.50 -2.56 8.07
N ALA A 16 5.85 -2.07 7.02
CA ALA A 16 6.35 -2.22 5.66
C ALA A 16 7.79 -1.72 5.51
N ASP A 17 8.07 -0.54 6.03
CA ASP A 17 9.41 0.03 5.92
C ASP A 17 10.44 -0.83 6.64
N MET A 18 10.04 -1.41 7.77
CA MET A 18 10.94 -2.28 8.52
C MET A 18 11.26 -3.54 7.73
N ALA A 19 10.26 -4.08 7.05
CA ALA A 19 10.46 -5.29 6.25
C ALA A 19 11.34 -4.96 5.05
N GLU A 20 11.24 -3.74 4.56
CA GLU A 20 12.05 -3.32 3.43
C GLU A 20 13.50 -3.22 3.86
N LEU A 21 13.72 -2.75 5.09
CA LEU A 21 15.06 -2.63 5.63
C LEU A 21 15.64 -4.02 5.87
N GLY A 22 14.80 -4.93 6.36
CA GLY A 22 15.23 -6.29 6.63
C GLY A 22 15.63 -6.98 5.35
N LYS A 23 14.89 -6.69 4.29
CA LYS A 23 15.17 -7.26 2.97
C LYS A 23 16.56 -6.84 2.49
N MET A 24 16.88 -5.56 2.64
CA MET A 24 18.18 -5.07 2.21
C MET A 24 19.30 -5.74 3.00
N LEU A 25 19.13 -5.86 4.31
CA LEU A 25 20.15 -6.48 5.14
C LEU A 25 20.33 -7.96 4.81
N PHE A 26 19.22 -8.64 4.55
CA PHE A 26 19.23 -10.07 4.18
C PHE A 26 20.10 -10.31 2.93
N PHE A 27 20.11 -9.34 2.02
CA PHE A 27 20.90 -9.44 0.79
C PHE A 27 22.26 -8.75 0.85
N ASP A 28 22.62 -8.19 2.00
CA ASP A 28 23.88 -7.46 2.10
C ASP A 28 25.05 -8.34 2.51
N PRO A 29 26.00 -8.58 1.60
CA PRO A 29 27.14 -9.44 1.98
C PRO A 29 28.13 -8.77 2.91
N ARG A 30 27.95 -7.49 3.20
CA ARG A 30 28.87 -6.79 4.09
C ARG A 30 28.60 -7.12 5.56
N LEU A 31 27.57 -7.91 5.82
CA LEU A 31 27.29 -8.32 7.19
C LEU A 31 28.32 -9.40 7.51
N SER A 32 28.96 -9.95 6.47
CA SER A 32 29.99 -10.98 6.65
C SER A 32 31.38 -10.38 6.66
N LYS A 33 32.33 -11.09 7.26
CA LYS A 33 33.71 -10.60 7.31
C LYS A 33 34.35 -10.48 5.93
N SER A 34 34.02 -11.43 5.05
CA SER A 34 34.57 -11.45 3.70
C SER A 34 33.93 -10.41 2.79
N GLY A 35 32.73 -9.99 3.15
CA GLY A 35 31.99 -9.04 2.32
C GLY A 35 31.44 -9.80 1.11
N PHE A 36 31.46 -11.13 1.18
CA PHE A 36 31.02 -11.98 0.06
C PHE A 36 29.82 -12.86 0.36
N ILE A 37 29.51 -13.03 1.64
CA ILE A 37 28.41 -13.88 2.07
C ILE A 37 27.26 -13.10 2.70
N SER A 38 26.04 -13.29 2.16
CA SER A 38 24.84 -12.66 2.72
C SER A 38 23.91 -13.78 3.18
N CYS A 39 22.79 -13.44 3.81
CA CYS A 39 21.83 -14.46 4.24
C CYS A 39 21.37 -15.21 2.99
N ASN A 40 21.20 -14.46 1.90
CA ASN A 40 20.75 -15.03 0.64
C ASN A 40 21.74 -16.04 0.05
N SER A 41 23.01 -15.95 0.43
CA SER A 41 23.99 -16.90 -0.09
C SER A 41 23.62 -18.32 0.29
N CYS A 42 23.20 -18.51 1.54
CA CYS A 42 22.82 -19.84 2.02
C CYS A 42 21.32 -20.11 2.04
N HIS A 43 20.54 -19.06 1.87
CA HIS A 43 19.08 -19.15 1.86
C HIS A 43 18.64 -18.40 0.61
N ASN A 44 18.98 -18.97 -0.54
CA ASN A 44 18.74 -18.36 -1.84
C ASN A 44 17.27 -18.25 -2.22
N LEU A 45 16.75 -17.03 -2.14
CA LEU A 45 15.35 -16.79 -2.43
C LEU A 45 14.96 -16.94 -3.90
N SER A 46 15.95 -17.17 -4.76
CA SER A 46 15.65 -17.39 -6.18
C SER A 46 15.49 -18.91 -6.37
N MET A 47 15.91 -19.66 -5.36
CA MET A 47 15.91 -21.13 -5.41
C MET A 47 15.07 -21.90 -4.38
N GLY A 48 14.37 -21.21 -3.49
CA GLY A 48 13.58 -21.93 -2.50
C GLY A 48 14.03 -21.69 -1.07
N GLY A 49 14.94 -20.73 -0.88
CA GLY A 49 15.38 -20.40 0.46
C GLY A 49 16.49 -21.21 1.13
N THR A 50 17.22 -22.02 0.36
CA THR A 50 18.33 -22.81 0.91
C THR A 50 19.50 -22.71 -0.07
N ASP A 51 20.58 -23.43 0.18
CA ASP A 51 21.72 -23.38 -0.73
C ASP A 51 21.81 -24.64 -1.60
N ASN A 52 20.87 -25.54 -1.40
CA ASN A 52 20.77 -26.76 -2.18
C ASN A 52 22.03 -27.61 -2.28
N ILE A 53 22.78 -27.68 -1.19
CA ILE A 53 23.98 -28.52 -1.14
C ILE A 53 23.92 -29.28 0.20
N THR A 54 24.75 -30.31 0.36
CA THR A 54 24.69 -31.09 1.60
C THR A 54 24.79 -30.28 2.88
N THR A 55 25.81 -29.44 2.99
CA THR A 55 25.96 -28.55 4.15
C THR A 55 26.52 -27.25 3.60
N SER A 56 26.31 -26.15 4.33
CA SER A 56 26.71 -24.83 3.88
C SER A 56 28.18 -24.43 3.79
N ILE A 57 28.49 -23.65 2.76
CA ILE A 57 29.81 -23.11 2.50
C ILE A 57 29.91 -21.82 3.30
N GLY A 58 30.89 -21.74 4.20
CA GLY A 58 31.03 -20.54 5.00
C GLY A 58 32.31 -19.81 4.66
N HIS A 59 32.67 -18.84 5.49
CA HIS A 59 33.88 -18.07 5.28
C HIS A 59 35.04 -18.98 4.92
N LYS A 60 35.81 -18.59 3.90
CA LYS A 60 36.96 -19.35 3.41
C LYS A 60 36.62 -20.77 2.97
N TRP A 61 35.38 -20.96 2.51
CA TRP A 61 34.88 -22.24 2.02
C TRP A 61 34.90 -23.34 3.06
N GLN A 62 34.58 -22.99 4.31
CA GLN A 62 34.51 -23.97 5.37
C GLN A 62 33.30 -24.85 5.09
N GLN A 63 33.44 -26.16 5.24
CA GLN A 63 32.34 -27.08 5.03
C GLN A 63 31.50 -27.10 6.30
N GLY A 64 30.26 -26.62 6.18
CA GLY A 64 29.37 -26.57 7.33
C GLY A 64 29.03 -27.91 7.94
N PRO A 65 28.53 -27.91 9.18
CA PRO A 65 28.17 -29.14 9.89
C PRO A 65 26.77 -29.71 9.62
N ILE A 66 25.88 -28.90 9.06
CA ILE A 66 24.52 -29.39 8.86
C ILE A 66 23.84 -28.73 7.66
N ASN A 67 22.80 -29.39 7.15
CA ASN A 67 22.06 -28.88 6.01
C ASN A 67 21.31 -27.59 6.36
N ALA A 68 21.41 -26.59 5.50
CA ALA A 68 20.73 -25.32 5.75
C ALA A 68 19.24 -25.43 5.43
N PRO A 69 18.38 -25.15 6.43
CA PRO A 69 16.93 -25.22 6.25
C PRO A 69 16.43 -24.00 5.48
N THR A 70 15.21 -24.07 4.97
CA THR A 70 14.69 -22.95 4.22
C THR A 70 14.11 -21.87 5.11
N VAL A 71 14.27 -20.62 4.70
CA VAL A 71 13.71 -19.52 5.47
C VAL A 71 12.23 -19.34 5.09
N LEU A 72 11.82 -19.94 3.96
CA LEU A 72 10.43 -19.83 3.55
C LEU A 72 9.51 -20.48 4.60
N ASN A 73 8.55 -19.69 5.08
CA ASN A 73 7.58 -20.12 6.08
C ASN A 73 8.18 -20.41 7.45
N SER A 74 9.44 -20.04 7.64
CA SER A 74 10.13 -20.27 8.92
C SER A 74 9.43 -19.53 10.07
N SER A 75 8.64 -18.52 9.73
CA SER A 75 7.93 -17.77 10.76
C SER A 75 6.94 -18.68 11.47
N MET A 76 6.63 -19.83 10.88
CA MET A 76 5.69 -20.77 11.47
C MET A 76 6.34 -21.83 12.38
N ASN A 77 7.66 -21.81 12.49
CA ASN A 77 8.39 -22.78 13.31
C ASN A 77 8.17 -22.53 14.81
N LEU A 78 8.08 -23.61 15.59
CA LEU A 78 7.87 -23.46 17.04
C LEU A 78 9.12 -22.89 17.69
N ALA A 79 10.24 -23.02 16.99
CA ALA A 79 11.55 -22.54 17.43
C ALA A 79 12.44 -22.59 16.19
N GLN A 80 13.63 -22.01 16.26
CA GLN A 80 14.54 -22.00 15.10
C GLN A 80 15.79 -22.87 15.27
N PHE A 81 16.30 -23.38 14.14
CA PHE A 81 17.45 -24.28 14.08
C PHE A 81 16.98 -25.72 14.26
N TRP A 82 17.75 -26.67 13.74
CA TRP A 82 17.39 -28.08 13.84
C TRP A 82 17.16 -28.55 15.27
N ASP A 83 17.88 -27.96 16.22
CA ASP A 83 17.71 -28.35 17.63
C ASP A 83 16.84 -27.35 18.40
N GLY A 84 16.27 -26.39 17.68
CA GLY A 84 15.41 -25.39 18.29
C GLY A 84 16.04 -24.57 19.39
N ARG A 85 17.34 -24.33 19.31
CA ARG A 85 18.01 -23.54 20.33
C ARG A 85 17.68 -22.06 20.31
N ALA A 86 17.08 -21.58 19.23
CA ALA A 86 16.71 -20.18 19.13
C ALA A 86 15.19 -20.06 19.26
N LYS A 87 14.73 -19.17 20.13
CA LYS A 87 13.30 -19.00 20.37
C LYS A 87 12.48 -18.43 19.23
N ASP A 88 13.06 -17.56 18.41
CA ASP A 88 12.34 -16.97 17.29
C ASP A 88 13.28 -16.45 16.22
N LEU A 89 12.73 -15.92 15.15
CA LEU A 89 13.53 -15.39 14.04
C LEU A 89 14.50 -14.29 14.45
N LYS A 90 14.05 -13.42 15.35
CA LYS A 90 14.91 -12.33 15.80
C LYS A 90 16.16 -12.88 16.47
N GLU A 91 15.97 -13.81 17.42
CA GLU A 91 17.10 -14.40 18.13
C GLU A 91 18.03 -15.15 17.19
N GLN A 92 17.45 -15.89 16.26
CA GLN A 92 18.20 -16.68 15.30
C GLN A 92 19.16 -15.85 14.43
N ALA A 93 18.66 -14.72 13.94
CA ALA A 93 19.46 -13.87 13.05
C ALA A 93 20.82 -13.44 13.58
N ALA A 94 20.96 -13.34 14.90
CA ALA A 94 22.24 -12.93 15.48
C ALA A 94 23.32 -13.99 15.35
N GLY A 95 22.91 -15.24 15.18
CA GLY A 95 23.85 -16.35 15.08
C GLY A 95 24.83 -16.38 13.91
N PRO A 96 24.32 -16.48 12.67
CA PRO A 96 25.22 -16.52 11.51
C PRO A 96 26.19 -15.35 11.38
N ILE A 97 25.71 -14.15 11.69
CA ILE A 97 26.54 -12.95 11.59
C ILE A 97 27.85 -13.09 12.36
N ALA A 98 27.77 -13.68 13.55
CA ALA A 98 28.95 -13.85 14.38
C ALA A 98 29.49 -15.28 14.42
N ASN A 99 28.93 -16.17 13.59
CA ASN A 99 29.37 -17.57 13.54
C ASN A 99 30.64 -17.69 12.70
N PRO A 100 31.77 -18.05 13.33
CA PRO A 100 33.02 -18.19 12.58
C PRO A 100 32.99 -19.21 11.43
N LYS A 101 32.03 -20.13 11.48
CA LYS A 101 31.89 -21.14 10.44
C LYS A 101 31.01 -20.64 9.29
N GLU A 102 30.35 -19.50 9.50
CA GLU A 102 29.46 -18.96 8.48
C GLU A 102 29.92 -17.58 8.02
N MET A 103 29.26 -16.52 8.48
CA MET A 103 29.64 -15.17 8.07
C MET A 103 30.95 -14.71 8.69
N ALA A 104 31.26 -15.25 9.87
CA ALA A 104 32.51 -14.95 10.57
C ALA A 104 32.81 -13.50 10.96
N SER A 105 31.78 -12.68 11.17
CA SER A 105 32.01 -11.31 11.58
C SER A 105 31.68 -11.22 13.07
N THR A 106 31.35 -10.02 13.55
CA THR A 106 30.96 -9.82 14.95
C THR A 106 29.81 -8.83 14.95
N HIS A 107 29.01 -8.83 16.01
CA HIS A 107 27.89 -7.92 16.08
C HIS A 107 28.37 -6.47 16.07
N GLU A 108 29.49 -6.23 16.74
CA GLU A 108 30.05 -4.88 16.81
C GLU A 108 30.44 -4.35 15.44
N ILE A 109 31.14 -5.18 14.66
CA ILE A 109 31.57 -4.78 13.33
C ILE A 109 30.38 -4.57 12.38
N ALA A 110 29.43 -5.50 12.39
CA ALA A 110 28.25 -5.35 11.54
C ALA A 110 27.56 -4.02 11.82
N GLU A 111 27.46 -3.64 13.09
CA GLU A 111 26.82 -2.39 13.45
C GLU A 111 27.59 -1.22 12.85
N LYS A 112 28.91 -1.26 12.97
CA LYS A 112 29.75 -0.19 12.43
C LYS A 112 29.63 -0.12 10.92
N VAL A 113 29.58 -1.29 10.27
CA VAL A 113 29.46 -1.34 8.82
C VAL A 113 28.18 -0.67 8.36
N VAL A 114 27.04 -1.10 8.91
CA VAL A 114 25.75 -0.54 8.53
C VAL A 114 25.61 0.94 8.88
N ALA A 115 26.04 1.32 10.08
CA ALA A 115 25.94 2.70 10.52
C ALA A 115 26.82 3.68 9.73
N SER A 116 27.85 3.16 9.06
CA SER A 116 28.76 4.00 8.29
C SER A 116 28.07 4.58 7.06
N MET A 117 26.98 3.96 6.65
CA MET A 117 26.27 4.41 5.47
C MET A 117 25.04 5.27 5.78
N PRO A 118 25.08 6.54 5.35
CA PRO A 118 23.99 7.50 5.56
C PRO A 118 22.64 6.97 5.12
N GLN A 119 22.62 6.30 3.98
CA GLN A 119 21.40 5.73 3.42
C GLN A 119 20.76 4.75 4.38
N TYR A 120 21.58 3.96 5.07
CA TYR A 120 21.06 2.99 6.02
C TYR A 120 20.62 3.75 7.28
N ARG A 121 21.47 4.66 7.76
CA ARG A 121 21.12 5.43 8.95
C ARG A 121 19.76 6.08 8.78
N GLU A 122 19.50 6.61 7.58
CA GLU A 122 18.24 7.26 7.28
C GLU A 122 17.06 6.31 7.37
N ARG A 123 17.23 5.09 6.89
CA ARG A 123 16.17 4.09 6.94
C ARG A 123 15.88 3.65 8.35
N PHE A 124 16.93 3.42 9.13
CA PHE A 124 16.74 3.01 10.52
C PHE A 124 15.95 4.08 11.28
N LYS A 125 16.18 5.34 10.93
CA LYS A 125 15.49 6.46 11.57
C LYS A 125 14.00 6.50 11.23
N LYS A 126 13.67 6.28 9.96
CA LYS A 126 12.29 6.30 9.53
C LYS A 126 11.55 5.06 10.05
N VAL A 127 12.31 4.09 10.55
CA VAL A 127 11.72 2.86 11.08
C VAL A 127 11.68 2.83 12.60
N PHE A 128 12.81 3.09 13.23
CA PHE A 128 12.87 3.07 14.69
C PHE A 128 12.95 4.45 15.34
N GLY A 129 12.60 5.49 14.59
CA GLY A 129 12.62 6.84 15.13
C GLY A 129 14.01 7.43 15.28
N SER A 130 14.98 6.59 15.64
CA SER A 130 16.36 7.02 15.79
C SER A 130 17.17 6.54 14.60
N ASP A 131 18.32 7.16 14.37
CA ASP A 131 19.16 6.76 13.23
C ASP A 131 20.31 5.84 13.65
N GLU A 132 20.45 5.57 14.94
CA GLU A 132 21.51 4.69 15.40
C GLU A 132 21.21 3.23 15.08
N VAL A 133 22.27 2.49 14.75
CA VAL A 133 22.15 1.09 14.38
C VAL A 133 22.68 0.14 15.45
N THR A 134 21.85 -0.81 15.85
CA THR A 134 22.24 -1.80 16.84
C THR A 134 21.93 -3.19 16.30
N ILE A 135 22.68 -4.20 16.73
CA ILE A 135 22.44 -5.56 16.26
C ILE A 135 21.00 -5.94 16.57
N ASP A 136 20.43 -5.32 17.61
CA ASP A 136 19.06 -5.59 17.99
C ASP A 136 18.08 -5.12 16.92
N ARG A 137 18.33 -3.93 16.38
CA ARG A 137 17.47 -3.38 15.34
C ARG A 137 17.70 -4.09 14.02
N ILE A 138 18.94 -4.52 13.79
CA ILE A 138 19.28 -5.25 12.56
C ILE A 138 18.51 -6.57 12.51
N THR A 139 18.56 -7.32 13.61
CA THR A 139 17.87 -8.60 13.66
C THR A 139 16.36 -8.42 13.71
N THR A 140 15.89 -7.37 14.36
CA THR A 140 14.46 -7.10 14.43
C THR A 140 13.97 -6.87 13.00
N ALA A 141 14.71 -6.09 12.22
CA ALA A 141 14.33 -5.78 10.85
C ALA A 141 14.37 -7.02 9.95
N ILE A 142 15.42 -7.82 10.08
CA ILE A 142 15.54 -9.03 9.26
C ILE A 142 14.38 -9.97 9.59
N ALA A 143 14.10 -10.17 10.88
CA ALA A 143 13.01 -11.05 11.29
C ALA A 143 11.70 -10.57 10.68
N GLN A 144 11.50 -9.25 10.64
CA GLN A 144 10.28 -8.68 10.06
C GLN A 144 10.20 -9.05 8.58
N PHE A 145 11.33 -8.98 7.88
CA PHE A 145 11.36 -9.34 6.48
C PHE A 145 11.00 -10.81 6.34
N GLU A 146 11.58 -11.66 7.19
CA GLU A 146 11.32 -13.09 7.11
C GLU A 146 9.87 -13.47 7.39
N GLU A 147 9.14 -12.61 8.11
CA GLU A 147 7.74 -12.87 8.38
C GLU A 147 6.93 -12.81 7.09
N THR A 148 7.47 -12.08 6.10
CA THR A 148 6.78 -11.92 4.82
C THR A 148 7.13 -13.04 3.85
N LEU A 149 8.10 -13.88 4.22
CA LEU A 149 8.52 -14.97 3.35
C LEU A 149 7.65 -16.22 3.47
N VAL A 150 6.34 -16.04 3.45
CA VAL A 150 5.42 -17.16 3.49
C VAL A 150 5.08 -17.44 2.04
N THR A 151 4.66 -18.66 1.73
CA THR A 151 4.37 -19.00 0.34
C THR A 151 2.96 -19.52 0.08
N PRO A 152 1.98 -18.61 0.03
CA PRO A 152 0.60 -19.05 -0.24
C PRO A 152 0.43 -19.40 -1.70
N GLY A 153 -0.72 -19.98 -2.05
CA GLY A 153 -1.00 -20.31 -3.44
C GLY A 153 -0.62 -21.65 -4.03
N SER A 154 -0.09 -22.57 -3.23
CA SER A 154 0.28 -23.88 -3.77
C SER A 154 -0.97 -24.59 -4.28
N LYS A 155 -0.78 -25.53 -5.19
CA LYS A 155 -1.89 -26.29 -5.75
C LYS A 155 -2.68 -27.00 -4.65
N PHE A 156 -1.97 -27.58 -3.67
CA PHE A 156 -2.66 -28.27 -2.59
C PHE A 156 -3.54 -27.31 -1.80
N ASP A 157 -3.07 -26.09 -1.60
CA ASP A 157 -3.86 -25.09 -0.86
C ASP A 157 -5.12 -24.75 -1.65
N LYS A 158 -4.97 -24.66 -2.97
CA LYS A 158 -6.11 -24.36 -3.83
C LYS A 158 -7.14 -25.49 -3.68
N TRP A 159 -6.64 -26.71 -3.54
CA TRP A 159 -7.49 -27.89 -3.37
C TRP A 159 -8.23 -27.83 -2.04
N LEU A 160 -7.51 -27.46 -0.98
CA LEU A 160 -8.11 -27.37 0.34
C LEU A 160 -9.19 -26.29 0.36
N GLU A 161 -9.03 -25.30 -0.51
CA GLU A 161 -9.97 -24.19 -0.57
C GLU A 161 -11.14 -24.34 -1.53
N GLY A 162 -11.35 -25.55 -2.06
CA GLY A 162 -12.47 -25.76 -2.95
C GLY A 162 -12.24 -26.22 -4.38
N ASP A 163 -11.03 -26.01 -4.91
CA ASP A 163 -10.75 -26.42 -6.28
C ASP A 163 -10.42 -27.90 -6.39
N LYS A 164 -11.45 -28.71 -6.60
CA LYS A 164 -11.30 -30.15 -6.71
C LYS A 164 -10.42 -30.61 -7.88
N ASN A 165 -10.07 -29.69 -8.76
CA ASN A 165 -9.24 -30.03 -9.92
C ASN A 165 -7.78 -29.62 -9.72
N ALA A 166 -7.50 -28.97 -8.61
CA ALA A 166 -6.14 -28.52 -8.31
C ALA A 166 -5.18 -29.70 -8.24
N LEU A 167 -5.69 -30.87 -7.85
CA LEU A 167 -4.87 -32.07 -7.74
C LEU A 167 -5.34 -33.11 -8.74
N ASN A 168 -4.41 -33.87 -9.32
CA ASN A 168 -4.79 -34.91 -10.26
C ASN A 168 -4.97 -36.20 -9.47
N GLN A 169 -5.26 -37.30 -10.16
CA GLN A 169 -5.48 -38.59 -9.50
C GLN A 169 -4.32 -39.06 -8.62
N ASP A 170 -3.11 -39.05 -9.17
CA ASP A 170 -1.93 -39.50 -8.43
C ASP A 170 -1.64 -38.62 -7.22
N GLU A 171 -1.79 -37.32 -7.39
CA GLU A 171 -1.53 -36.37 -6.31
C GLU A 171 -2.51 -36.55 -5.16
N LEU A 172 -3.78 -36.79 -5.47
CA LEU A 172 -4.79 -36.98 -4.45
C LEU A 172 -4.55 -38.29 -3.69
N GLU A 173 -4.24 -39.36 -4.43
CA GLU A 173 -3.98 -40.63 -3.79
C GLU A 173 -2.73 -40.51 -2.93
N GLY A 174 -1.77 -39.72 -3.40
CA GLY A 174 -0.56 -39.51 -2.63
C GLY A 174 -0.89 -38.86 -1.31
N TYR A 175 -1.76 -37.86 -1.34
CA TYR A 175 -2.18 -37.18 -0.12
C TYR A 175 -2.87 -38.17 0.82
N ASN A 176 -3.73 -39.00 0.26
CA ASN A 176 -4.44 -39.99 1.06
C ASN A 176 -3.49 -40.98 1.71
N LEU A 177 -2.42 -41.33 1.01
CA LEU A 177 -1.41 -42.23 1.57
C LEU A 177 -0.68 -41.51 2.70
N PHE A 178 -0.41 -40.23 2.48
CA PHE A 178 0.29 -39.39 3.46
C PHE A 178 -0.53 -39.32 4.76
N LYS A 179 -1.81 -39.01 4.63
CA LYS A 179 -2.73 -38.89 5.76
C LYS A 179 -3.06 -40.23 6.42
N GLY A 180 -3.21 -41.27 5.59
CA GLY A 180 -3.58 -42.56 6.11
C GLY A 180 -2.49 -43.44 6.69
N SER A 181 -1.24 -43.12 6.41
CA SER A 181 -0.11 -43.92 6.90
C SER A 181 0.46 -43.47 8.24
N GLY A 182 0.26 -42.21 8.59
CA GLY A 182 0.78 -41.74 9.87
C GLY A 182 1.69 -40.52 9.74
N CYS A 183 1.92 -40.08 8.51
CA CYS A 183 2.78 -38.92 8.26
C CYS A 183 2.31 -37.64 8.95
N VAL A 184 1.00 -37.43 9.04
CA VAL A 184 0.51 -36.21 9.65
C VAL A 184 0.67 -36.15 11.17
N GLN A 185 1.28 -37.18 11.75
CA GLN A 185 1.54 -37.18 13.19
C GLN A 185 2.51 -36.03 13.44
N CYS A 186 3.47 -35.91 12.53
CA CYS A 186 4.52 -34.91 12.64
C CYS A 186 4.52 -33.81 11.59
N HIS A 187 3.98 -34.09 10.41
CA HIS A 187 3.93 -33.11 9.33
C HIS A 187 2.48 -32.67 9.16
N ASN A 188 2.09 -31.66 9.93
CA ASN A 188 0.72 -31.16 9.87
C ASN A 188 0.65 -29.65 10.05
N GLY A 189 -0.56 -29.11 10.13
CA GLY A 189 -0.72 -27.68 10.30
C GLY A 189 -0.47 -26.94 8.99
N PRO A 190 -0.43 -25.61 9.00
CA PRO A 190 -0.18 -24.86 7.76
C PRO A 190 1.19 -25.09 7.15
N ALA A 191 2.18 -25.42 7.97
CA ALA A 191 3.54 -25.65 7.45
C ALA A 191 3.87 -27.12 7.17
N VAL A 192 2.91 -28.00 7.39
CA VAL A 192 3.12 -29.43 7.15
C VAL A 192 4.43 -29.82 7.85
N GLY A 193 4.50 -29.46 9.14
CA GLY A 193 5.68 -29.73 9.94
C GLY A 193 6.03 -28.46 10.70
N GLY A 194 7.18 -28.45 11.36
CA GLY A 194 7.65 -27.28 12.09
C GLY A 194 6.99 -26.98 13.43
N SER A 195 6.01 -27.77 13.83
CA SER A 195 5.30 -27.52 15.08
C SER A 195 5.68 -28.40 16.27
N SER A 196 6.69 -29.24 16.12
CA SER A 196 7.10 -30.12 17.21
C SER A 196 8.48 -30.71 17.01
N TYR A 197 9.01 -31.32 18.07
CA TYR A 197 10.30 -31.99 18.02
C TYR A 197 9.98 -33.47 17.97
N GLN A 198 10.62 -34.19 17.06
CA GLN A 198 10.35 -35.62 16.94
C GLN A 198 11.64 -36.40 16.74
N LYS A 199 11.58 -37.67 17.10
CA LYS A 199 12.71 -38.57 16.96
C LYS A 199 12.93 -38.91 15.49
N MET A 200 14.20 -38.84 15.05
CA MET A 200 14.54 -39.22 13.68
C MET A 200 15.02 -40.67 13.81
N GLY A 201 14.16 -41.62 13.46
CA GLY A 201 14.50 -43.02 13.57
C GLY A 201 13.68 -43.65 14.68
N VAL A 202 12.37 -43.67 14.50
CA VAL A 202 11.47 -44.24 15.50
C VAL A 202 11.57 -45.76 15.62
N PHE A 203 11.45 -46.47 14.49
CA PHE A 203 11.53 -47.93 14.52
C PHE A 203 12.94 -48.46 14.28
N LYS A 204 13.73 -47.70 13.54
CA LYS A 204 15.11 -48.06 13.24
C LYS A 204 15.92 -46.78 13.19
N PRO A 205 17.23 -46.85 13.46
CA PRO A 205 18.05 -45.65 13.42
C PRO A 205 18.31 -45.09 12.03
N TYR A 206 18.52 -43.79 11.96
CA TYR A 206 18.84 -43.16 10.69
C TYR A 206 20.36 -43.18 10.59
N GLU A 207 20.89 -43.99 9.69
CA GLU A 207 22.34 -44.10 9.54
C GLU A 207 22.93 -42.85 8.93
N THR A 208 23.99 -42.33 9.55
CA THR A 208 24.66 -41.15 9.05
C THR A 208 25.98 -40.92 9.76
N LYS A 209 26.94 -40.34 9.04
CA LYS A 209 28.24 -40.04 9.63
C LYS A 209 28.20 -38.68 10.33
N ASN A 210 27.11 -37.96 10.11
CA ASN A 210 26.94 -36.64 10.72
C ASN A 210 26.76 -36.85 12.22
N PRO A 211 27.54 -36.12 13.04
CA PRO A 211 27.47 -36.21 14.51
C PRO A 211 26.35 -35.45 15.21
N ALA A 212 25.59 -34.64 14.47
CA ALA A 212 24.51 -33.86 15.09
C ALA A 212 23.64 -34.71 16.01
N ALA A 213 23.43 -34.24 17.24
CA ALA A 213 22.63 -34.96 18.21
C ALA A 213 21.23 -34.38 18.40
N GLY A 214 20.95 -33.24 17.76
CA GLY A 214 19.64 -32.64 17.87
C GLY A 214 19.33 -31.95 19.20
N ARG A 215 18.12 -32.15 19.70
CA ARG A 215 17.68 -31.55 20.95
C ARG A 215 18.58 -31.79 22.17
N MET A 216 19.33 -32.89 22.15
CA MET A 216 20.21 -33.22 23.26
C MET A 216 21.25 -32.11 23.45
N ASP A 217 21.65 -31.46 22.36
CA ASP A 217 22.61 -30.37 22.44
C ASP A 217 22.02 -29.23 23.26
N VAL A 218 20.70 -29.21 23.36
CA VAL A 218 20.00 -28.17 24.11
C VAL A 218 19.54 -28.62 25.49
N THR A 219 19.02 -29.84 25.57
CA THR A 219 18.51 -30.37 26.85
C THR A 219 19.52 -31.24 27.59
N GLY A 220 20.42 -31.89 26.85
CA GLY A 220 21.40 -32.75 27.48
C GLY A 220 20.81 -34.09 27.87
N ASN A 221 19.51 -34.25 27.67
CA ASN A 221 18.83 -35.49 27.99
C ASN A 221 19.06 -36.51 26.88
N GLU A 222 19.60 -37.68 27.26
CA GLU A 222 19.88 -38.74 26.31
C GLU A 222 18.61 -39.07 25.51
N ALA A 223 17.47 -38.91 26.16
CA ALA A 223 16.18 -39.19 25.51
C ALA A 223 15.97 -38.28 24.30
N ASP A 224 16.65 -37.15 24.28
CA ASP A 224 16.52 -36.20 23.18
C ASP A 224 17.56 -36.37 22.09
N ARG A 225 18.37 -37.42 22.18
CA ARG A 225 19.38 -37.67 21.17
C ARG A 225 18.68 -38.04 19.86
N ASN A 226 19.09 -37.41 18.77
CA ASN A 226 18.50 -37.66 17.46
C ASN A 226 17.06 -37.17 17.36
N VAL A 227 16.70 -36.22 18.22
CA VAL A 227 15.38 -35.62 18.21
C VAL A 227 15.56 -34.24 17.56
N PHE A 228 14.79 -33.96 16.52
CA PHE A 228 14.93 -32.68 15.82
C PHE A 228 13.60 -31.99 15.60
N LYS A 229 13.66 -30.69 15.28
CA LYS A 229 12.45 -29.97 14.96
C LYS A 229 12.02 -30.60 13.64
N VAL A 230 10.74 -30.88 13.48
CA VAL A 230 10.25 -31.47 12.23
C VAL A 230 10.28 -30.37 11.16
N PRO A 231 10.98 -30.60 10.05
CA PRO A 231 11.06 -29.61 8.97
C PRO A 231 9.72 -29.41 8.27
N THR A 232 9.53 -28.22 7.72
CA THR A 232 8.32 -27.92 6.96
C THR A 232 8.43 -28.66 5.65
N LEU A 233 7.32 -29.17 5.13
CA LEU A 233 7.37 -29.86 3.84
C LEU A 233 6.88 -28.92 2.74
N ARG A 234 6.55 -27.69 3.13
CA ARG A 234 6.13 -26.70 2.14
C ARG A 234 7.38 -26.43 1.32
N ASN A 235 7.22 -26.41 -0.01
CA ASN A 235 8.32 -26.16 -0.93
C ASN A 235 9.43 -27.19 -0.84
N ILE A 236 9.12 -28.38 -0.35
CA ILE A 236 10.12 -29.43 -0.21
C ILE A 236 10.73 -29.76 -1.58
N GLU A 237 9.96 -29.54 -2.63
CA GLU A 237 10.43 -29.77 -4.00
C GLU A 237 11.63 -28.89 -4.34
N LEU A 238 11.76 -27.75 -3.66
CA LEU A 238 12.85 -26.80 -3.95
C LEU A 238 14.03 -26.81 -2.99
N THR A 239 13.98 -27.66 -1.97
CA THR A 239 15.03 -27.64 -0.96
C THR A 239 15.91 -28.87 -0.79
N TYR A 240 16.07 -29.64 -1.86
CA TYR A 240 16.96 -30.81 -1.88
C TYR A 240 18.38 -30.29 -1.60
N PRO A 241 19.30 -31.14 -1.07
CA PRO A 241 19.09 -32.55 -0.71
C PRO A 241 18.33 -32.59 0.61
N TYR A 242 17.89 -33.78 1.02
CA TYR A 242 17.09 -33.89 2.23
C TYR A 242 17.71 -34.43 3.51
N PHE A 243 17.02 -34.17 4.62
CA PHE A 243 17.41 -34.54 5.97
C PHE A 243 18.54 -33.63 6.45
N HIS A 244 18.76 -33.60 7.76
CA HIS A 244 19.76 -32.71 8.33
C HIS A 244 21.20 -32.92 7.86
N ASP A 245 21.52 -34.10 7.35
CA ASP A 245 22.88 -34.34 6.88
C ASP A 245 22.94 -34.20 5.36
N GLY A 246 21.79 -33.91 4.75
CA GLY A 246 21.72 -33.78 3.31
C GLY A 246 21.98 -35.11 2.64
N GLY A 247 21.77 -36.20 3.37
CA GLY A 247 22.04 -37.53 2.84
C GLY A 247 21.11 -38.13 1.80
N ALA A 248 19.86 -37.66 1.75
CA ALA A 248 18.90 -38.16 0.76
C ALA A 248 18.83 -37.15 -0.38
N ALA A 249 19.36 -37.53 -1.54
CA ALA A 249 19.37 -36.61 -2.69
C ALA A 249 18.02 -36.42 -3.37
N THR A 250 17.14 -37.43 -3.28
CA THR A 250 15.84 -37.36 -3.94
C THR A 250 14.67 -37.47 -2.98
N LEU A 251 13.51 -36.99 -3.42
CA LEU A 251 12.30 -37.05 -2.61
C LEU A 251 11.87 -38.51 -2.47
N GLU A 252 12.07 -39.31 -3.51
CA GLU A 252 11.72 -40.72 -3.45
C GLU A 252 12.47 -41.39 -2.30
N GLN A 253 13.78 -41.15 -2.22
CA GLN A 253 14.57 -41.75 -1.15
C GLN A 253 14.11 -41.25 0.22
N ALA A 254 13.85 -39.95 0.33
CA ALA A 254 13.41 -39.38 1.59
C ALA A 254 12.09 -39.98 2.04
N VAL A 255 11.13 -40.09 1.12
CA VAL A 255 9.83 -40.66 1.45
C VAL A 255 9.93 -42.12 1.86
N GLU A 256 10.72 -42.90 1.14
CA GLU A 256 10.88 -44.32 1.46
C GLU A 256 11.48 -44.48 2.86
N THR A 257 12.53 -43.72 3.14
CA THR A 257 13.19 -43.78 4.44
C THR A 257 12.25 -43.38 5.57
N MET A 258 11.48 -42.32 5.37
CA MET A 258 10.53 -41.86 6.37
C MET A 258 9.48 -42.91 6.69
N GLY A 259 8.92 -43.52 5.66
CA GLY A 259 7.91 -44.54 5.89
C GLY A 259 8.48 -45.71 6.66
N ARG A 260 9.71 -46.09 6.33
CA ARG A 260 10.36 -47.23 6.96
C ARG A 260 10.74 -47.03 8.43
N ILE A 261 11.57 -46.02 8.71
CA ILE A 261 12.02 -45.80 10.08
C ILE A 261 11.09 -44.99 10.98
N GLN A 262 10.13 -44.27 10.41
CA GLN A 262 9.22 -43.49 11.24
C GLN A 262 7.87 -44.17 11.46
N LEU A 263 7.39 -44.89 10.45
CA LEU A 263 6.09 -45.54 10.54
C LEU A 263 6.12 -47.06 10.51
N ASN A 264 7.26 -47.63 10.15
CA ASN A 264 7.40 -49.07 10.04
C ASN A 264 6.49 -49.51 8.89
N ARG A 265 6.48 -48.69 7.84
CA ARG A 265 5.68 -48.94 6.64
C ARG A 265 6.60 -49.04 5.44
N GLU A 266 6.47 -50.11 4.67
CA GLU A 266 7.32 -50.31 3.51
C GLU A 266 6.50 -49.97 2.26
N PHE A 267 6.72 -48.78 1.72
CA PHE A 267 6.00 -48.35 0.53
C PHE A 267 6.59 -48.96 -0.71
N ASN A 268 5.73 -49.41 -1.63
CA ASN A 268 6.21 -49.96 -2.89
C ASN A 268 6.50 -48.76 -3.78
N LYS A 269 7.19 -48.99 -4.90
CA LYS A 269 7.55 -47.90 -5.81
C LYS A 269 6.40 -47.00 -6.26
N ASP A 270 5.23 -47.59 -6.48
CA ASP A 270 4.08 -46.84 -6.92
C ASP A 270 3.57 -45.88 -5.84
N GLU A 271 3.51 -46.37 -4.61
CA GLU A 271 3.04 -45.55 -3.49
C GLU A 271 3.99 -44.39 -3.27
N VAL A 272 5.28 -44.66 -3.32
CA VAL A 272 6.28 -43.61 -3.13
C VAL A 272 6.11 -42.52 -4.19
N SER A 273 5.96 -42.90 -5.45
CA SER A 273 5.81 -41.91 -6.52
C SER A 273 4.56 -41.06 -6.32
N LYS A 274 3.50 -41.64 -5.77
CA LYS A 274 2.28 -40.88 -5.54
C LYS A 274 2.47 -39.90 -4.39
N ILE A 275 3.13 -40.32 -3.33
CA ILE A 275 3.37 -39.42 -2.22
C ILE A 275 4.27 -38.27 -2.69
N VAL A 276 5.29 -38.60 -3.48
CA VAL A 276 6.21 -37.60 -4.01
C VAL A 276 5.43 -36.58 -4.84
N ALA A 277 4.52 -37.08 -5.69
CA ALA A 277 3.71 -36.19 -6.51
C ALA A 277 2.93 -35.23 -5.61
N PHE A 278 2.41 -35.75 -4.51
CA PHE A 278 1.66 -34.91 -3.56
C PHE A 278 2.57 -33.85 -2.92
N LEU A 279 3.78 -34.26 -2.53
CA LEU A 279 4.70 -33.32 -1.90
C LEU A 279 4.99 -32.12 -2.80
N LYS A 280 5.10 -32.36 -4.10
CA LYS A 280 5.39 -31.28 -5.02
C LYS A 280 4.25 -30.26 -5.14
N THR A 281 3.04 -30.65 -4.75
CA THR A 281 1.93 -29.72 -4.83
C THR A 281 1.93 -28.78 -3.62
N LEU A 282 2.96 -28.91 -2.78
CA LEU A 282 3.10 -28.07 -1.60
C LEU A 282 3.99 -26.87 -1.91
N THR A 283 4.45 -26.76 -3.15
CA THR A 283 5.29 -25.63 -3.56
C THR A 283 4.36 -24.44 -3.77
N GLY A 284 4.59 -23.36 -3.04
CA GLY A 284 3.72 -22.21 -3.18
C GLY A 284 4.33 -21.09 -3.99
N ASP A 285 3.70 -19.91 -3.91
CA ASP A 285 4.17 -18.74 -4.64
C ASP A 285 5.49 -18.27 -4.04
N GLN A 286 6.52 -18.16 -4.88
CA GLN A 286 7.81 -17.72 -4.41
C GLN A 286 7.86 -16.21 -4.22
N PRO A 287 8.84 -15.72 -3.43
CA PRO A 287 8.99 -14.29 -3.16
C PRO A 287 8.90 -13.46 -4.43
N ASP A 288 8.09 -12.41 -4.37
CA ASP A 288 7.91 -11.53 -5.51
C ASP A 288 8.22 -10.10 -5.10
N PHE A 289 9.45 -9.68 -5.35
CA PHE A 289 9.88 -8.33 -5.03
C PHE A 289 11.07 -7.92 -5.89
N LYS A 290 11.34 -6.63 -5.96
CA LYS A 290 12.44 -6.12 -6.75
C LYS A 290 13.79 -6.46 -6.12
N LEU A 291 14.78 -6.73 -6.95
CA LEU A 291 16.12 -7.02 -6.46
C LEU A 291 16.52 -5.82 -5.62
N PRO A 292 16.92 -6.04 -4.36
CA PRO A 292 17.31 -4.91 -3.52
C PRO A 292 18.54 -4.16 -4.06
N ILE A 293 18.49 -2.83 -3.99
CA ILE A 293 19.62 -2.01 -4.42
C ILE A 293 20.20 -1.45 -3.13
N LEU A 294 21.42 -1.85 -2.80
CA LEU A 294 22.05 -1.45 -1.55
C LEU A 294 22.93 -0.21 -1.65
N PRO A 295 23.04 0.55 -0.55
CA PRO A 295 23.87 1.75 -0.56
C PRO A 295 25.35 1.38 -0.64
N PRO A 296 26.17 2.20 -1.30
CA PRO A 296 27.58 1.89 -1.41
C PRO A 296 28.35 2.13 -0.12
N SER A 297 29.42 1.37 0.06
CA SER A 297 30.27 1.57 1.22
C SER A 297 31.01 2.88 0.91
N ASN A 298 31.45 3.58 1.95
CA ASN A 298 32.18 4.82 1.76
C ASN A 298 33.51 4.73 2.52
N ASN A 299 34.28 5.82 2.54
CA ASN A 299 35.58 5.81 3.20
C ASN A 299 35.53 5.48 4.70
N ASP A 300 34.36 5.64 5.32
CA ASP A 300 34.20 5.36 6.74
C ASP A 300 33.82 3.91 7.04
N THR A 301 33.50 3.15 6.00
CA THR A 301 33.09 1.76 6.15
C THR A 301 34.23 0.76 6.37
N PRO A 302 34.10 -0.09 7.41
CA PRO A 302 35.15 -1.08 7.67
C PRO A 302 35.29 -1.91 6.39
N ARG A 303 36.52 -2.11 5.93
CA ARG A 303 36.73 -2.83 4.70
C ARG A 303 36.66 -4.35 4.78
N SER A 304 36.06 -4.94 3.74
CA SER A 304 35.91 -6.38 3.66
C SER A 304 37.25 -7.08 3.82
N GLN A 305 37.23 -8.25 4.44
CA GLN A 305 38.46 -9.02 4.65
C GLN A 305 38.25 -10.44 4.11
N PRO A 306 38.21 -10.58 2.78
CA PRO A 306 38.02 -11.92 2.19
C PRO A 306 39.16 -12.90 2.36
N TYR A 307 40.39 -12.41 2.40
CA TYR A 307 41.54 -13.30 2.50
C TYR A 307 42.40 -13.18 3.76
N GLU A 308 42.31 -12.05 4.44
CA GLU A 308 43.11 -11.85 5.66
C GLU A 308 42.39 -12.54 6.82
N ALA B 1 -56.70 -13.96 16.04
CA ALA B 1 -57.35 -12.68 15.65
C ALA B 1 -56.44 -11.88 14.74
N ASN B 2 -55.16 -11.88 15.08
CA ASN B 2 -54.08 -11.19 14.35
C ASN B 2 -53.40 -10.10 15.16
N GLU B 3 -52.06 -10.19 15.14
CA GLU B 3 -51.12 -9.32 15.83
C GLU B 3 -51.42 -7.83 16.03
N PRO B 4 -50.85 -7.27 17.12
CA PRO B 4 -50.97 -5.85 17.54
C PRO B 4 -50.07 -4.98 16.67
N ILE B 5 -49.31 -5.63 15.78
CA ILE B 5 -48.39 -4.94 14.87
C ILE B 5 -48.72 -5.32 13.44
N GLN B 6 -48.62 -4.35 12.54
CA GLN B 6 -48.90 -4.61 11.13
C GLN B 6 -47.63 -4.36 10.31
N PRO B 7 -47.52 -5.02 9.15
CA PRO B 7 -46.34 -4.86 8.27
C PRO B 7 -46.28 -3.49 7.62
N ILE B 8 -45.09 -3.05 7.24
CA ILE B 8 -44.90 -1.76 6.58
C ILE B 8 -44.98 -1.96 5.07
N LYS B 9 -45.67 -1.05 4.39
CA LYS B 9 -45.82 -1.13 2.94
C LYS B 9 -44.94 -0.11 2.22
N ALA B 10 -44.46 -0.50 1.05
CA ALA B 10 -43.61 0.38 0.24
C ALA B 10 -44.42 1.61 -0.13
N VAL B 11 -43.75 2.74 -0.27
CA VAL B 11 -44.42 3.97 -0.62
C VAL B 11 -43.88 4.61 -1.88
N THR B 12 -44.76 4.84 -2.85
CA THR B 12 -44.37 5.49 -4.09
C THR B 12 -44.83 6.94 -3.97
N PRO B 13 -43.90 7.90 -4.18
CA PRO B 13 -44.17 9.33 -4.09
C PRO B 13 -45.36 9.82 -4.92
N GLU B 14 -46.20 10.65 -4.31
CA GLU B 14 -47.35 11.21 -4.99
C GLU B 14 -46.83 12.10 -6.12
N ASN B 15 -45.66 12.71 -5.89
CA ASN B 15 -45.05 13.59 -6.88
C ASN B 15 -43.58 13.23 -7.02
N ALA B 16 -43.26 12.51 -8.10
CA ALA B 16 -41.90 12.06 -8.37
C ALA B 16 -40.86 13.18 -8.35
N ASP B 17 -41.09 14.22 -9.15
CA ASP B 17 -40.15 15.33 -9.20
C ASP B 17 -39.99 16.05 -7.86
N MET B 18 -41.06 16.10 -7.08
CA MET B 18 -41.01 16.78 -5.78
C MET B 18 -40.12 16.00 -4.81
N ALA B 19 -40.30 14.69 -4.78
CA ALA B 19 -39.51 13.84 -3.88
C ALA B 19 -38.03 13.98 -4.18
N GLU B 20 -37.69 14.19 -5.46
CA GLU B 20 -36.30 14.31 -5.85
C GLU B 20 -35.74 15.63 -5.32
N LEU B 21 -36.49 16.71 -5.50
CA LEU B 21 -36.08 18.03 -5.02
C LEU B 21 -35.88 17.98 -3.52
N GLY B 22 -36.82 17.33 -2.83
CA GLY B 22 -36.73 17.22 -1.38
C GLY B 22 -35.51 16.43 -0.96
N LYS B 23 -35.16 15.42 -1.76
CA LYS B 23 -34.00 14.58 -1.49
C LYS B 23 -32.74 15.44 -1.55
N MET B 24 -32.65 16.28 -2.58
CA MET B 24 -31.50 17.15 -2.75
C MET B 24 -31.35 18.11 -1.57
N LEU B 25 -32.46 18.76 -1.21
CA LEU B 25 -32.45 19.71 -0.09
C LEU B 25 -32.06 19.06 1.24
N PHE B 26 -32.51 17.83 1.45
CA PHE B 26 -32.22 17.09 2.68
C PHE B 26 -30.72 16.89 2.87
N PHE B 27 -30.00 16.79 1.76
CA PHE B 27 -28.55 16.59 1.80
C PHE B 27 -27.75 17.87 1.51
N ASP B 28 -28.42 18.99 1.33
CA ASP B 28 -27.71 20.22 1.04
C ASP B 28 -27.31 20.97 2.30
N PRO B 29 -26.01 20.96 2.63
CA PRO B 29 -25.52 21.64 3.84
C PRO B 29 -25.58 23.16 3.75
N ARG B 30 -25.94 23.69 2.59
CA ARG B 30 -26.01 25.14 2.43
C ARG B 30 -27.29 25.71 3.04
N LEU B 31 -28.15 24.84 3.55
CA LEU B 31 -29.36 25.31 4.21
C LEU B 31 -28.94 25.78 5.60
N SER B 32 -27.71 25.44 6.00
CA SER B 32 -27.20 25.86 7.29
C SER B 32 -26.34 27.11 7.11
N LYS B 33 -26.19 27.87 8.19
CA LYS B 33 -25.38 29.08 8.15
C LYS B 33 -23.93 28.73 7.81
N SER B 34 -23.42 27.66 8.41
CA SER B 34 -22.04 27.24 8.20
C SER B 34 -21.78 26.58 6.85
N GLY B 35 -22.84 26.15 6.18
CA GLY B 35 -22.67 25.48 4.90
C GLY B 35 -22.03 24.13 5.13
N PHE B 36 -22.14 23.65 6.37
CA PHE B 36 -21.53 22.39 6.77
C PHE B 36 -22.53 21.40 7.38
N ILE B 37 -23.71 21.89 7.73
CA ILE B 37 -24.72 21.03 8.35
C ILE B 37 -25.98 20.87 7.50
N SER B 38 -26.34 19.62 7.22
CA SER B 38 -27.54 19.33 6.44
C SER B 38 -28.44 18.45 7.31
N CYS B 39 -29.64 18.14 6.83
CA CYS B 39 -30.55 17.29 7.59
C CYS B 39 -29.87 15.96 7.81
N ASN B 40 -29.20 15.47 6.77
CA ASN B 40 -28.52 14.18 6.84
C ASN B 40 -27.41 14.15 7.87
N SER B 41 -26.92 15.32 8.28
CA SER B 41 -25.85 15.38 9.27
C SER B 41 -26.34 14.80 10.58
N CYS B 42 -27.56 15.19 10.97
CA CYS B 42 -28.13 14.72 12.23
C CYS B 42 -29.11 13.56 12.03
N HIS B 43 -29.44 13.28 10.79
CA HIS B 43 -30.36 12.19 10.45
C HIS B 43 -29.74 11.44 9.26
N ASN B 44 -28.60 10.80 9.53
CA ASN B 44 -27.82 10.09 8.53
C ASN B 44 -28.52 8.90 7.87
N LEU B 45 -28.92 9.07 6.61
CA LEU B 45 -29.63 8.01 5.89
C LEU B 45 -28.73 6.80 5.60
N SER B 46 -27.47 6.90 5.97
CA SER B 46 -26.53 5.79 5.79
C SER B 46 -26.46 5.03 7.10
N MET B 47 -26.87 5.70 8.18
CA MET B 47 -26.81 5.13 9.52
C MET B 47 -28.14 4.77 10.19
N GLY B 48 -29.26 5.13 9.56
CA GLY B 48 -30.54 4.81 10.16
C GLY B 48 -31.40 6.00 10.50
N GLY B 49 -31.00 7.18 10.05
CA GLY B 49 -31.79 8.38 10.31
C GLY B 49 -31.51 9.20 11.55
N THR B 50 -30.41 8.90 12.24
CA THR B 50 -30.05 9.66 13.44
C THR B 50 -28.56 10.00 13.38
N ASP B 51 -28.08 10.74 14.38
CA ASP B 51 -26.65 11.08 14.43
C ASP B 51 -25.94 10.14 15.39
N ASN B 52 -26.70 9.20 15.93
CA ASN B 52 -26.18 8.19 16.83
C ASN B 52 -25.33 8.68 17.99
N ILE B 53 -25.69 9.84 18.54
CA ILE B 53 -24.97 10.38 19.70
C ILE B 53 -26.01 10.89 20.69
N THR B 54 -25.59 11.14 21.93
CA THR B 54 -26.50 11.61 22.97
C THR B 54 -27.44 12.71 22.51
N THR B 55 -26.88 13.90 22.23
CA THR B 55 -27.66 15.03 21.73
C THR B 55 -26.92 15.56 20.50
N SER B 56 -27.64 16.27 19.66
CA SER B 56 -27.08 16.78 18.41
C SER B 56 -26.04 17.90 18.46
N ILE B 57 -25.11 17.82 17.52
CA ILE B 57 -24.05 18.82 17.34
C ILE B 57 -24.64 19.88 16.42
N GLY B 58 -24.72 21.12 16.89
CA GLY B 58 -25.25 22.18 16.04
C GLY B 58 -24.17 23.11 15.53
N HIS B 59 -24.58 24.27 15.04
CA HIS B 59 -23.65 25.27 14.53
C HIS B 59 -22.60 25.56 15.59
N LYS B 60 -21.34 25.60 15.17
CA LYS B 60 -20.23 25.86 16.08
C LYS B 60 -20.16 24.86 17.23
N TRP B 61 -20.48 23.61 16.90
CA TRP B 61 -20.45 22.51 17.87
C TRP B 61 -21.25 22.75 19.14
N GLN B 62 -22.42 23.39 19.02
CA GLN B 62 -23.28 23.63 20.17
C GLN B 62 -23.87 22.27 20.57
N GLN B 63 -23.95 22.01 21.87
CA GLN B 63 -24.49 20.74 22.34
C GLN B 63 -26.01 20.79 22.43
N GLY B 64 -26.66 20.01 21.57
CA GLY B 64 -28.10 19.95 21.53
C GLY B 64 -28.77 19.62 22.85
N PRO B 65 -30.03 20.04 23.06
CA PRO B 65 -30.78 19.79 24.28
C PRO B 65 -31.48 18.44 24.39
N ILE B 66 -31.55 17.69 23.29
CA ILE B 66 -32.27 16.43 23.32
C ILE B 66 -31.79 15.49 22.21
N ASN B 67 -31.98 14.19 22.42
CA ASN B 67 -31.56 13.19 21.43
C ASN B 67 -32.38 13.27 20.15
N ALA B 68 -31.70 13.26 19.01
CA ALA B 68 -32.37 13.36 17.71
C ALA B 68 -33.00 12.04 17.27
N PRO B 69 -34.32 12.06 17.00
CA PRO B 69 -35.02 10.85 16.57
C PRO B 69 -34.78 10.55 15.10
N THR B 70 -35.13 9.34 14.65
CA THR B 70 -34.93 8.97 13.26
C THR B 70 -36.03 9.49 12.35
N VAL B 71 -35.67 9.83 11.11
CA VAL B 71 -36.64 10.31 10.15
C VAL B 71 -37.28 9.10 9.47
N LEU B 72 -36.73 7.91 9.71
CA LEU B 72 -37.25 6.69 9.11
C LEU B 72 -38.62 6.36 9.68
N ASN B 73 -39.61 6.30 8.80
CA ASN B 73 -41.00 6.02 9.13
C ASN B 73 -41.66 7.16 9.91
N SER B 74 -40.92 8.25 10.10
CA SER B 74 -41.43 9.40 10.84
C SER B 74 -42.77 9.90 10.30
N SER B 75 -43.02 9.63 9.01
CA SER B 75 -44.26 10.05 8.38
C SER B 75 -45.46 9.40 9.07
N MET B 76 -45.19 8.42 9.94
CA MET B 76 -46.26 7.72 10.65
C MET B 76 -46.56 8.28 12.03
N ASN B 77 -45.73 9.22 12.50
CA ASN B 77 -45.93 9.83 13.81
C ASN B 77 -47.24 10.61 13.88
N LEU B 78 -47.88 10.61 15.06
CA LEU B 78 -49.13 11.33 15.21
C LEU B 78 -48.88 12.84 15.12
N ALA B 79 -47.65 13.24 15.48
CA ALA B 79 -47.19 14.62 15.44
C ALA B 79 -45.67 14.55 15.42
N GLN B 80 -44.99 15.68 15.23
CA GLN B 80 -43.52 15.67 15.19
C GLN B 80 -42.85 16.37 16.37
N PHE B 81 -41.67 15.86 16.73
CA PHE B 81 -40.85 16.33 17.86
C PHE B 81 -41.26 15.57 19.11
N TRP B 82 -40.37 15.50 20.08
CA TRP B 82 -40.64 14.78 21.31
C TRP B 82 -41.89 15.25 22.05
N ASP B 83 -42.22 16.54 21.91
CA ASP B 83 -43.39 17.09 22.59
C ASP B 83 -44.58 17.22 21.64
N GLY B 84 -44.38 16.79 20.40
CA GLY B 84 -45.44 16.85 19.40
C GLY B 84 -45.89 18.26 19.07
N ARG B 85 -44.99 19.23 19.21
CA ARG B 85 -45.34 20.63 18.94
C ARG B 85 -45.53 20.93 17.45
N ALA B 86 -45.04 20.04 16.59
CA ALA B 86 -45.19 20.21 15.15
C ALA B 86 -46.25 19.26 14.62
N LYS B 87 -47.19 19.81 13.85
CA LYS B 87 -48.32 19.07 13.27
C LYS B 87 -47.96 17.93 12.32
N ASP B 88 -47.02 18.19 11.40
CA ASP B 88 -46.62 17.18 10.43
C ASP B 88 -45.19 17.43 9.98
N LEU B 89 -44.71 16.62 9.04
CA LEU B 89 -43.35 16.74 8.53
C LEU B 89 -43.05 18.10 7.92
N LYS B 90 -44.01 18.65 7.17
CA LYS B 90 -43.80 19.95 6.55
C LYS B 90 -43.55 21.03 7.60
N GLU B 91 -44.39 21.09 8.63
CA GLU B 91 -44.21 22.10 9.66
C GLU B 91 -42.90 21.89 10.39
N GLN B 92 -42.58 20.63 10.66
CA GLN B 92 -41.33 20.28 11.35
C GLN B 92 -40.09 20.81 10.64
N ALA B 93 -39.98 20.53 9.35
CA ALA B 93 -38.81 20.93 8.55
C ALA B 93 -38.37 22.39 8.65
N ALA B 94 -39.30 23.29 8.92
CA ALA B 94 -38.94 24.71 9.01
C ALA B 94 -38.15 25.03 10.28
N GLY B 95 -38.29 24.18 11.29
CA GLY B 95 -37.60 24.42 12.55
C GLY B 95 -36.09 24.45 12.51
N PRO B 96 -35.45 23.32 12.15
CA PRO B 96 -33.99 23.15 12.07
C PRO B 96 -33.25 24.28 11.36
N ILE B 97 -33.74 24.61 10.16
CA ILE B 97 -33.14 25.65 9.33
C ILE B 97 -32.94 27.00 10.01
N ALA B 98 -33.92 27.43 10.81
CA ALA B 98 -33.83 28.73 11.48
C ALA B 98 -33.49 28.67 12.97
N ASN B 99 -33.20 27.48 13.46
CA ASN B 99 -32.86 27.28 14.87
C ASN B 99 -31.38 27.60 15.09
N PRO B 100 -31.08 28.64 15.88
CA PRO B 100 -29.69 29.02 16.15
C PRO B 100 -28.86 27.90 16.77
N LYS B 101 -29.51 27.02 17.53
CA LYS B 101 -28.78 25.92 18.16
C LYS B 101 -28.54 24.77 17.19
N GLU B 102 -29.11 24.84 16.00
CA GLU B 102 -28.93 23.78 15.02
C GLU B 102 -28.31 24.30 13.72
N MET B 103 -29.11 24.47 12.66
CA MET B 103 -28.54 24.95 11.40
C MET B 103 -28.17 26.44 11.44
N ALA B 104 -28.86 27.20 12.28
CA ALA B 104 -28.58 28.62 12.49
C ALA B 104 -28.73 29.59 11.32
N SER B 105 -29.52 29.23 10.32
CA SER B 105 -29.71 30.16 9.20
C SER B 105 -31.05 30.84 9.42
N THR B 106 -31.62 31.38 8.35
CA THR B 106 -32.94 32.01 8.43
C THR B 106 -33.68 31.53 7.19
N HIS B 107 -35.00 31.55 7.25
CA HIS B 107 -35.78 31.11 6.10
C HIS B 107 -35.44 31.99 4.88
N GLU B 108 -35.28 33.28 5.13
CA GLU B 108 -34.96 34.24 4.07
C GLU B 108 -33.65 33.90 3.36
N ILE B 109 -32.61 33.66 4.14
CA ILE B 109 -31.30 33.33 3.57
C ILE B 109 -31.33 31.97 2.86
N ALA B 110 -31.95 30.98 3.49
CA ALA B 110 -32.05 29.66 2.89
C ALA B 110 -32.73 29.77 1.52
N GLU B 111 -33.74 30.64 1.43
CA GLU B 111 -34.46 30.85 0.17
C GLU B 111 -33.51 31.49 -0.83
N LYS B 112 -32.79 32.52 -0.38
CA LYS B 112 -31.85 33.24 -1.24
C LYS B 112 -30.77 32.30 -1.77
N VAL B 113 -30.28 31.42 -0.89
CA VAL B 113 -29.24 30.46 -1.27
C VAL B 113 -29.72 29.52 -2.37
N VAL B 114 -30.89 28.92 -2.16
CA VAL B 114 -31.45 28.00 -3.13
C VAL B 114 -31.83 28.68 -4.44
N ALA B 115 -32.47 29.83 -4.34
CA ALA B 115 -32.89 30.59 -5.52
C ALA B 115 -31.73 31.07 -6.40
N SER B 116 -30.54 31.19 -5.80
CA SER B 116 -29.36 31.67 -6.53
C SER B 116 -28.91 30.70 -7.62
N MET B 117 -29.20 29.42 -7.45
CA MET B 117 -28.80 28.41 -8.42
C MET B 117 -29.88 28.11 -9.46
N PRO B 118 -29.60 28.41 -10.74
CA PRO B 118 -30.54 28.18 -11.85
C PRO B 118 -31.14 26.78 -11.84
N GLN B 119 -30.32 25.79 -11.56
CA GLN B 119 -30.76 24.39 -11.52
C GLN B 119 -31.93 24.23 -10.56
N TYR B 120 -31.79 24.79 -9.36
CA TYR B 120 -32.86 24.68 -8.36
C TYR B 120 -34.10 25.42 -8.84
N ARG B 121 -33.91 26.60 -9.42
CA ARG B 121 -35.05 27.38 -9.92
C ARG B 121 -35.82 26.54 -10.93
N GLU B 122 -35.10 25.78 -11.74
CA GLU B 122 -35.70 24.93 -12.76
C GLU B 122 -36.66 23.94 -12.11
N ARG B 123 -36.15 23.18 -11.13
CA ARG B 123 -36.95 22.18 -10.44
C ARG B 123 -38.16 22.80 -9.75
N PHE B 124 -37.96 23.87 -9.00
CA PHE B 124 -39.08 24.51 -8.33
C PHE B 124 -40.18 24.85 -9.34
N LYS B 125 -39.79 25.40 -10.47
CA LYS B 125 -40.76 25.75 -11.49
C LYS B 125 -41.42 24.49 -12.04
N LYS B 126 -40.65 23.41 -12.09
CA LYS B 126 -41.13 22.13 -12.57
C LYS B 126 -42.15 21.53 -11.60
N VAL B 127 -41.79 21.52 -10.33
CA VAL B 127 -42.63 20.97 -9.29
C VAL B 127 -43.78 21.87 -8.84
N PHE B 128 -43.56 23.18 -8.77
CA PHE B 128 -44.60 24.07 -8.30
C PHE B 128 -45.25 25.01 -9.32
N GLY B 129 -44.67 25.14 -10.50
CA GLY B 129 -45.26 26.01 -11.51
C GLY B 129 -44.48 27.28 -11.80
N SER B 130 -43.84 27.83 -10.79
CA SER B 130 -43.03 29.04 -10.97
C SER B 130 -41.66 28.77 -10.34
N ASP B 131 -40.64 29.48 -10.80
CA ASP B 131 -39.30 29.27 -10.28
C ASP B 131 -39.06 29.94 -8.93
N GLU B 132 -40.12 30.40 -8.29
CA GLU B 132 -40.01 31.07 -7.00
C GLU B 132 -39.61 30.10 -5.90
N VAL B 133 -38.75 30.56 -4.99
CA VAL B 133 -38.32 29.72 -3.88
C VAL B 133 -38.85 30.31 -2.57
N THR B 134 -39.55 29.49 -1.81
CA THR B 134 -40.11 29.91 -0.53
C THR B 134 -39.83 28.79 0.46
N ILE B 135 -39.85 29.12 1.75
CA ILE B 135 -39.61 28.12 2.76
C ILE B 135 -40.77 27.12 2.72
N ASP B 136 -41.94 27.62 2.33
CA ASP B 136 -43.12 26.75 2.24
C ASP B 136 -42.86 25.64 1.22
N ARG B 137 -42.34 26.01 0.06
CA ARG B 137 -42.05 25.04 -1.00
C ARG B 137 -40.89 24.12 -0.63
N ILE B 138 -39.91 24.67 0.09
CA ILE B 138 -38.77 23.89 0.51
C ILE B 138 -39.19 22.80 1.50
N THR B 139 -40.01 23.17 2.48
CA THR B 139 -40.48 22.23 3.48
C THR B 139 -41.44 21.21 2.87
N THR B 140 -42.23 21.66 1.90
CA THR B 140 -43.18 20.78 1.23
C THR B 140 -42.40 19.69 0.52
N ALA B 141 -41.37 20.08 -0.22
CA ALA B 141 -40.55 19.14 -0.95
C ALA B 141 -39.83 18.18 -0.02
N ILE B 142 -39.24 18.71 1.05
CA ILE B 142 -38.52 17.87 1.99
C ILE B 142 -39.48 16.86 2.64
N ALA B 143 -40.70 17.31 2.92
CA ALA B 143 -41.69 16.44 3.51
C ALA B 143 -42.03 15.30 2.54
N GLN B 144 -42.28 15.65 1.28
CA GLN B 144 -42.59 14.64 0.27
C GLN B 144 -41.49 13.59 0.25
N PHE B 145 -40.23 14.04 0.30
CA PHE B 145 -39.11 13.12 0.30
C PHE B 145 -39.15 12.19 1.52
N GLU B 146 -39.41 12.76 2.70
CA GLU B 146 -39.45 11.95 3.91
C GLU B 146 -40.58 10.92 3.88
N GLU B 147 -41.64 11.23 3.14
CA GLU B 147 -42.77 10.31 3.02
C GLU B 147 -42.33 9.01 2.34
N THR B 148 -41.21 9.06 1.64
CA THR B 148 -40.71 7.88 0.95
C THR B 148 -39.70 7.14 1.80
N LEU B 149 -39.38 7.69 2.97
CA LEU B 149 -38.41 7.08 3.86
C LEU B 149 -38.95 6.03 4.82
N VAL B 150 -39.81 5.15 4.32
CA VAL B 150 -40.35 4.07 5.13
C VAL B 150 -39.41 2.88 4.93
N THR B 151 -39.44 1.93 5.86
CA THR B 151 -38.55 0.78 5.75
C THR B 151 -39.23 -0.58 5.76
N PRO B 152 -39.91 -0.94 4.65
CA PRO B 152 -40.59 -2.23 4.59
C PRO B 152 -39.57 -3.35 4.43
N GLY B 153 -40.05 -4.59 4.51
CA GLY B 153 -39.16 -5.73 4.33
C GLY B 153 -38.41 -6.26 5.53
N SER B 154 -38.73 -5.81 6.74
CA SER B 154 -38.04 -6.32 7.92
C SER B 154 -38.44 -7.78 8.11
N LYS B 155 -37.64 -8.52 8.85
CA LYS B 155 -37.93 -9.94 9.08
C LYS B 155 -39.29 -10.12 9.75
N PHE B 156 -39.54 -9.33 10.79
CA PHE B 156 -40.81 -9.43 11.50
C PHE B 156 -41.98 -9.31 10.53
N ASP B 157 -41.92 -8.34 9.63
CA ASP B 157 -42.98 -8.15 8.65
C ASP B 157 -43.07 -9.35 7.72
N LYS B 158 -41.93 -9.97 7.44
CA LYS B 158 -41.91 -11.14 6.57
C LYS B 158 -42.68 -12.22 7.30
N TRP B 159 -42.43 -12.33 8.60
CA TRP B 159 -43.10 -13.30 9.44
C TRP B 159 -44.61 -13.01 9.42
N LEU B 160 -44.94 -11.78 9.81
CA LEU B 160 -46.33 -11.35 9.86
C LEU B 160 -47.07 -11.63 8.55
N GLU B 161 -46.36 -11.55 7.44
CA GLU B 161 -46.98 -11.79 6.14
C GLU B 161 -46.96 -13.26 5.76
N GLY B 162 -46.72 -14.12 6.74
CA GLY B 162 -46.70 -15.56 6.48
C GLY B 162 -45.33 -16.11 6.17
N ASP B 163 -44.58 -16.43 7.23
CA ASP B 163 -43.24 -16.99 7.07
C ASP B 163 -42.64 -17.26 8.44
N LYS B 164 -43.13 -18.31 9.10
CA LYS B 164 -42.66 -18.68 10.43
C LYS B 164 -41.15 -18.86 10.44
N ASN B 165 -40.59 -19.10 9.26
CA ASN B 165 -39.16 -19.29 9.13
C ASN B 165 -38.41 -17.97 9.09
N ALA B 166 -39.16 -16.86 9.07
CA ALA B 166 -38.57 -15.53 9.04
C ALA B 166 -38.02 -15.17 10.41
N LEU B 167 -38.56 -15.79 11.44
CA LEU B 167 -38.11 -15.56 12.81
C LEU B 167 -37.58 -16.86 13.40
N ASN B 168 -36.66 -16.74 14.36
CA ASN B 168 -36.10 -17.92 15.00
C ASN B 168 -36.66 -18.07 16.40
N GLN B 169 -36.27 -19.15 17.07
CA GLN B 169 -36.72 -19.45 18.42
C GLN B 169 -36.75 -18.25 19.36
N ASP B 170 -35.59 -17.67 19.64
CA ASP B 170 -35.52 -16.52 20.55
C ASP B 170 -36.26 -15.29 20.04
N GLU B 171 -36.22 -15.06 18.74
CA GLU B 171 -36.88 -13.89 18.16
C GLU B 171 -38.39 -13.97 18.35
N LEU B 172 -38.99 -15.09 17.94
CA LEU B 172 -40.43 -15.27 18.07
C LEU B 172 -40.82 -15.28 19.55
N GLU B 173 -39.93 -15.79 20.39
CA GLU B 173 -40.17 -15.85 21.82
C GLU B 173 -40.12 -14.46 22.45
N GLY B 174 -39.21 -13.62 21.95
CA GLY B 174 -39.10 -12.28 22.46
C GLY B 174 -40.35 -11.48 22.18
N TYR B 175 -40.96 -11.76 21.04
CA TYR B 175 -42.18 -11.09 20.63
C TYR B 175 -43.35 -11.44 21.55
N ASN B 176 -43.38 -12.68 22.01
CA ASN B 176 -44.45 -13.13 22.91
C ASN B 176 -44.25 -12.49 24.28
N LEU B 177 -43.00 -12.21 24.60
CA LEU B 177 -42.67 -11.58 25.88
C LEU B 177 -43.01 -10.10 25.76
N PHE B 178 -42.82 -9.57 24.55
CA PHE B 178 -43.11 -8.17 24.26
C PHE B 178 -44.57 -7.91 24.57
N LYS B 179 -45.45 -8.65 23.90
CA LYS B 179 -46.89 -8.52 24.09
C LYS B 179 -47.28 -8.87 25.52
N GLY B 180 -47.05 -10.12 25.91
CA GLY B 180 -47.39 -10.57 27.24
C GLY B 180 -47.00 -9.64 28.37
N SER B 181 -45.87 -8.96 28.23
CA SER B 181 -45.41 -8.04 29.27
C SER B 181 -46.21 -6.75 29.30
N GLY B 182 -46.77 -6.37 28.16
CA GLY B 182 -47.54 -5.15 28.10
C GLY B 182 -46.91 -4.06 27.24
N CYS B 183 -45.85 -4.40 26.52
CA CYS B 183 -45.18 -3.43 25.66
C CYS B 183 -46.12 -2.88 24.61
N VAL B 184 -46.90 -3.76 23.99
CA VAL B 184 -47.85 -3.38 22.96
C VAL B 184 -48.89 -2.37 23.44
N GLN B 185 -48.87 -2.07 24.72
CA GLN B 185 -49.80 -1.12 25.30
C GLN B 185 -49.53 0.26 24.69
N CYS B 186 -48.26 0.55 24.47
CA CYS B 186 -47.84 1.84 23.91
C CYS B 186 -47.13 1.71 22.57
N HIS B 187 -46.41 0.59 22.39
CA HIS B 187 -45.67 0.33 21.16
C HIS B 187 -46.42 -0.67 20.30
N ASN B 188 -47.20 -0.18 19.34
CA ASN B 188 -47.96 -1.07 18.46
C ASN B 188 -48.24 -0.42 17.11
N GLY B 189 -49.01 -1.10 16.28
CA GLY B 189 -49.33 -0.57 14.97
C GLY B 189 -48.18 -0.70 13.98
N PRO B 190 -48.31 -0.11 12.79
CA PRO B 190 -47.27 -0.13 11.75
C PRO B 190 -45.88 0.31 12.19
N ALA B 191 -45.82 1.40 12.96
CA ALA B 191 -44.54 1.94 13.42
C ALA B 191 -44.11 1.36 14.76
N VAL B 192 -44.97 0.54 15.36
CA VAL B 192 -44.65 -0.05 16.66
C VAL B 192 -44.39 1.07 17.66
N GLY B 193 -45.29 2.04 17.67
CA GLY B 193 -45.15 3.19 18.57
C GLY B 193 -45.45 4.47 17.79
N GLY B 194 -45.11 5.61 18.36
CA GLY B 194 -45.32 6.88 17.68
C GLY B 194 -46.75 7.31 17.46
N SER B 195 -47.68 6.72 18.20
CA SER B 195 -49.09 7.04 18.04
C SER B 195 -49.72 7.78 19.22
N SER B 196 -48.91 8.13 20.21
CA SER B 196 -49.43 8.83 21.37
C SER B 196 -48.33 9.42 22.25
N TYR B 197 -48.77 10.11 23.30
CA TYR B 197 -47.85 10.71 24.25
C TYR B 197 -48.04 9.92 25.54
N GLN B 198 -46.95 9.50 26.16
CA GLN B 198 -47.07 8.73 27.39
C GLN B 198 -46.05 9.20 28.42
N LYS B 199 -46.43 9.06 29.68
CA LYS B 199 -45.58 9.43 30.80
C LYS B 199 -44.32 8.58 30.83
N MET B 200 -43.16 9.23 30.92
CA MET B 200 -41.91 8.49 31.02
C MET B 200 -41.70 8.30 32.52
N GLY B 201 -41.96 7.09 33.00
CA GLY B 201 -41.84 6.81 34.41
C GLY B 201 -43.23 6.70 35.04
N VAL B 202 -43.98 5.70 34.59
CA VAL B 202 -45.34 5.47 35.09
C VAL B 202 -45.38 5.15 36.58
N PHE B 203 -44.64 4.12 36.99
CA PHE B 203 -44.62 3.72 38.39
C PHE B 203 -43.45 4.33 39.17
N LYS B 204 -42.38 4.65 38.45
CA LYS B 204 -41.19 5.23 39.06
C LYS B 204 -40.64 6.31 38.13
N PRO B 205 -40.22 7.45 38.68
CA PRO B 205 -39.68 8.53 37.84
C PRO B 205 -38.37 8.16 37.14
N TYR B 206 -38.20 8.67 35.92
CA TYR B 206 -36.99 8.42 35.14
C TYR B 206 -35.89 9.34 35.63
N GLU B 207 -34.78 8.73 36.04
CA GLU B 207 -33.63 9.48 36.56
C GLU B 207 -32.90 10.16 35.41
N THR B 208 -32.86 11.49 35.43
CA THR B 208 -32.17 12.24 34.38
C THR B 208 -31.82 13.66 34.78
N LYS B 209 -30.74 14.18 34.19
CA LYS B 209 -30.28 15.54 34.47
C LYS B 209 -30.84 16.46 33.39
N ASN B 210 -31.34 15.86 32.32
CA ASN B 210 -31.92 16.59 31.20
C ASN B 210 -33.19 17.32 31.67
N PRO B 211 -33.26 18.64 31.46
CA PRO B 211 -34.38 19.50 31.86
C PRO B 211 -35.66 19.44 31.02
N ALA B 212 -35.64 18.72 29.90
CA ALA B 212 -36.82 18.62 29.03
C ALA B 212 -38.07 18.18 29.79
N ALA B 213 -39.15 18.93 29.65
CA ALA B 213 -40.41 18.63 30.31
C ALA B 213 -41.41 17.93 29.39
N GLY B 214 -41.05 17.80 28.12
CA GLY B 214 -41.91 17.12 27.16
C GLY B 214 -43.19 17.85 26.80
N ARG B 215 -44.25 17.07 26.61
CA ARG B 215 -45.56 17.56 26.21
C ARG B 215 -46.06 18.80 26.97
N MET B 216 -45.65 18.96 28.21
CA MET B 216 -46.09 20.12 28.98
C MET B 216 -45.68 21.42 28.28
N ASP B 217 -44.58 21.37 27.52
CA ASP B 217 -44.13 22.57 26.81
C ASP B 217 -45.24 23.05 25.87
N VAL B 218 -46.04 22.11 25.39
CA VAL B 218 -47.13 22.45 24.47
C VAL B 218 -48.45 22.76 25.15
N THR B 219 -48.87 21.90 26.06
CA THR B 219 -50.14 22.07 26.75
C THR B 219 -50.11 22.98 27.96
N GLY B 220 -48.97 23.04 28.63
CA GLY B 220 -48.83 23.86 29.81
C GLY B 220 -49.42 23.19 31.04
N ASN B 221 -50.01 22.01 30.85
CA ASN B 221 -50.64 21.29 31.97
C ASN B 221 -49.70 20.37 32.74
N GLU B 222 -49.74 20.49 34.07
CA GLU B 222 -48.92 19.70 34.97
C GLU B 222 -48.97 18.21 34.65
N ALA B 223 -50.16 17.71 34.36
CA ALA B 223 -50.34 16.29 34.06
C ALA B 223 -49.56 15.82 32.83
N ASP B 224 -49.10 16.76 32.00
CA ASP B 224 -48.35 16.38 30.81
C ASP B 224 -46.85 16.54 31.01
N ARG B 225 -46.43 16.84 32.23
CA ARG B 225 -45.00 16.98 32.53
C ARG B 225 -44.37 15.60 32.42
N ASN B 226 -43.19 15.53 31.80
CA ASN B 226 -42.47 14.28 31.62
C ASN B 226 -43.24 13.29 30.74
N VAL B 227 -44.17 13.83 29.96
CA VAL B 227 -44.96 13.02 29.03
C VAL B 227 -44.31 13.27 27.67
N PHE B 228 -43.99 12.19 26.96
CA PHE B 228 -43.33 12.30 25.65
C PHE B 228 -44.01 11.45 24.59
N LYS B 229 -43.76 11.79 23.33
CA LYS B 229 -44.30 11.00 22.23
C LYS B 229 -43.60 9.64 22.32
N VAL B 230 -44.36 8.57 22.11
CA VAL B 230 -43.79 7.24 22.14
C VAL B 230 -43.00 7.05 20.85
N PRO B 231 -41.69 6.77 20.94
CA PRO B 231 -40.88 6.59 19.73
C PRO B 231 -41.20 5.29 19.00
N THR B 232 -40.83 5.24 17.73
CA THR B 232 -41.04 4.04 16.93
C THR B 232 -39.93 3.06 17.28
N LEU B 233 -40.21 1.77 17.22
CA LEU B 233 -39.18 0.80 17.52
C LEU B 233 -38.62 0.21 16.24
N ARG B 234 -39.22 0.61 15.12
CA ARG B 234 -38.74 0.15 13.83
C ARG B 234 -37.31 0.67 13.69
N ASN B 235 -36.41 -0.17 13.22
CA ASN B 235 -35.02 0.22 13.03
C ASN B 235 -34.37 0.67 14.34
N ILE B 236 -34.94 0.25 15.46
CA ILE B 236 -34.42 0.63 16.78
C ILE B 236 -32.98 0.15 16.97
N GLU B 237 -32.59 -0.85 16.19
CA GLU B 237 -31.25 -1.41 16.25
C GLU B 237 -30.24 -0.43 15.64
N LEU B 238 -30.72 0.41 14.74
CA LEU B 238 -29.87 1.38 14.07
C LEU B 238 -29.87 2.77 14.70
N THR B 239 -30.74 3.01 15.69
CA THR B 239 -30.84 4.34 16.28
C THR B 239 -30.33 4.60 17.70
N TYR B 240 -29.35 3.83 18.14
CA TYR B 240 -28.75 4.01 19.46
C TYR B 240 -28.04 5.38 19.47
N PRO B 241 -27.88 6.00 20.66
CA PRO B 241 -28.32 5.54 21.98
C PRO B 241 -29.84 5.61 22.11
N TYR B 242 -30.36 5.51 23.34
CA TYR B 242 -31.82 5.52 23.52
C TYR B 242 -32.37 6.46 24.60
N PHE B 243 -33.66 6.78 24.47
CA PHE B 243 -34.39 7.69 25.37
C PHE B 243 -34.12 9.13 24.94
N HIS B 244 -34.98 10.06 25.34
CA HIS B 244 -34.82 11.45 24.92
C HIS B 244 -33.55 12.14 25.39
N ASP B 245 -32.97 11.63 26.48
CA ASP B 245 -31.74 12.22 27.00
C ASP B 245 -30.54 11.41 26.53
N GLY B 246 -30.80 10.33 25.81
CA GLY B 246 -29.73 9.48 25.32
C GLY B 246 -28.99 8.77 26.44
N GLY B 247 -29.66 8.64 27.58
CA GLY B 247 -29.06 8.00 28.74
C GLY B 247 -28.85 6.49 28.69
N ALA B 248 -29.58 5.80 27.83
CA ALA B 248 -29.43 4.35 27.71
C ALA B 248 -28.56 4.00 26.52
N ALA B 249 -27.31 3.67 26.79
CA ALA B 249 -26.36 3.33 25.74
C ALA B 249 -26.72 2.09 24.95
N THR B 250 -27.40 1.13 25.58
CA THR B 250 -27.75 -0.10 24.88
C THR B 250 -29.20 -0.55 25.02
N LEU B 251 -29.66 -1.36 24.08
CA LEU B 251 -31.01 -1.90 24.08
C LEU B 251 -31.32 -2.62 25.39
N GLU B 252 -30.41 -3.49 25.82
CA GLU B 252 -30.61 -4.24 27.06
C GLU B 252 -30.97 -3.31 28.21
N GLN B 253 -30.29 -2.17 28.29
CA GLN B 253 -30.55 -1.21 29.35
C GLN B 253 -31.89 -0.51 29.15
N ALA B 254 -32.27 -0.33 27.89
CA ALA B 254 -33.53 0.32 27.56
C ALA B 254 -34.71 -0.56 27.93
N VAL B 255 -34.67 -1.82 27.48
CA VAL B 255 -35.71 -2.78 27.76
C VAL B 255 -35.91 -2.97 29.26
N GLU B 256 -34.80 -2.98 29.99
CA GLU B 256 -34.85 -3.16 31.44
C GLU B 256 -35.53 -1.97 32.11
N THR B 257 -35.11 -0.77 31.75
CA THR B 257 -35.68 0.44 32.33
C THR B 257 -37.17 0.57 32.01
N MET B 258 -37.54 0.21 30.77
CA MET B 258 -38.93 0.29 30.33
C MET B 258 -39.81 -0.68 31.13
N GLY B 259 -39.27 -1.84 31.46
CA GLY B 259 -40.03 -2.80 32.22
C GLY B 259 -40.19 -2.34 33.65
N ARG B 260 -39.11 -1.80 34.21
CA ARG B 260 -39.10 -1.34 35.59
C ARG B 260 -40.02 -0.16 35.90
N ILE B 261 -39.87 0.94 35.17
CA ILE B 261 -40.68 2.12 35.43
C ILE B 261 -41.97 2.30 34.65
N GLN B 262 -42.14 1.56 33.56
CA GLN B 262 -43.36 1.68 32.77
C GLN B 262 -44.37 0.58 33.10
N LEU B 263 -43.86 -0.63 33.34
CA LEU B 263 -44.72 -1.77 33.64
C LEU B 263 -44.54 -2.31 35.05
N ASN B 264 -43.54 -1.79 35.76
CA ASN B 264 -43.27 -2.23 37.12
C ASN B 264 -42.94 -3.72 37.15
N ARG B 265 -41.95 -4.11 36.35
CA ARG B 265 -41.53 -5.51 36.28
C ARG B 265 -40.03 -5.63 36.01
N GLU B 266 -39.39 -6.57 36.71
CA GLU B 266 -37.97 -6.82 36.54
C GLU B 266 -37.76 -7.96 35.56
N PHE B 267 -37.03 -7.68 34.48
CA PHE B 267 -36.75 -8.68 33.46
C PHE B 267 -35.46 -9.45 33.73
N ASN B 268 -35.57 -10.77 33.74
CA ASN B 268 -34.39 -11.63 33.95
C ASN B 268 -33.50 -11.44 32.73
N LYS B 269 -32.19 -11.48 32.94
CA LYS B 269 -31.25 -11.30 31.84
C LYS B 269 -31.68 -12.07 30.60
N ASP B 270 -32.29 -13.23 30.81
CA ASP B 270 -32.72 -14.06 29.69
C ASP B 270 -33.89 -13.41 28.95
N GLU B 271 -34.85 -12.88 29.71
CA GLU B 271 -36.02 -12.23 29.13
C GLU B 271 -35.61 -11.07 28.23
N VAL B 272 -34.72 -10.23 28.75
CA VAL B 272 -34.23 -9.08 28.00
C VAL B 272 -33.58 -9.49 26.69
N SER B 273 -32.73 -10.52 26.74
CA SER B 273 -32.03 -10.99 25.56
C SER B 273 -33.00 -11.39 24.45
N LYS B 274 -34.11 -12.03 24.84
CA LYS B 274 -35.11 -12.44 23.86
C LYS B 274 -35.82 -11.23 23.29
N ILE B 275 -36.17 -10.29 24.16
CA ILE B 275 -36.86 -9.08 23.75
C ILE B 275 -35.97 -8.30 22.78
N VAL B 276 -34.72 -8.11 23.18
CA VAL B 276 -33.75 -7.40 22.35
C VAL B 276 -33.61 -8.08 20.99
N ALA B 277 -33.57 -9.41 21.01
CA ALA B 277 -33.45 -10.18 19.78
C ALA B 277 -34.65 -9.89 18.90
N PHE B 278 -35.82 -9.81 19.54
CA PHE B 278 -37.05 -9.52 18.82
C PHE B 278 -36.97 -8.16 18.11
N LEU B 279 -36.61 -7.13 18.87
CA LEU B 279 -36.51 -5.77 18.35
C LEU B 279 -35.67 -5.66 17.08
N LYS B 280 -34.52 -6.34 17.06
CA LYS B 280 -33.64 -6.27 15.90
C LYS B 280 -34.29 -6.80 14.63
N THR B 281 -35.39 -7.53 14.77
CA THR B 281 -36.09 -8.07 13.60
C THR B 281 -37.00 -6.98 13.05
N LEU B 282 -36.94 -5.80 13.65
CA LEU B 282 -37.76 -4.66 13.23
C LEU B 282 -37.01 -3.77 12.24
N THR B 283 -35.75 -4.11 11.97
CA THR B 283 -34.95 -3.36 11.02
C THR B 283 -35.40 -3.73 9.62
N GLY B 284 -35.80 -2.73 8.83
CA GLY B 284 -36.26 -3.00 7.48
C GLY B 284 -35.27 -2.59 6.40
N ASP B 285 -35.72 -2.61 5.15
CA ASP B 285 -34.89 -2.23 4.03
C ASP B 285 -34.58 -0.73 4.10
N GLN B 286 -33.30 -0.40 4.09
CA GLN B 286 -32.87 0.99 4.19
C GLN B 286 -33.04 1.74 2.88
N PRO B 287 -33.03 3.08 2.93
CA PRO B 287 -33.19 3.88 1.71
C PRO B 287 -32.28 3.43 0.58
N ASP B 288 -32.82 3.38 -0.64
CA ASP B 288 -32.06 2.96 -1.81
C ASP B 288 -32.22 3.95 -2.96
N PHE B 289 -31.19 4.75 -3.19
CA PHE B 289 -31.20 5.74 -4.25
C PHE B 289 -29.79 6.25 -4.55
N LYS B 290 -29.64 7.00 -5.63
CA LYS B 290 -28.34 7.54 -6.00
C LYS B 290 -27.97 8.72 -5.12
N LEU B 291 -26.69 8.83 -4.79
CA LEU B 291 -26.21 9.95 -3.98
C LEU B 291 -26.60 11.18 -4.79
N PRO B 292 -27.35 12.12 -4.19
CA PRO B 292 -27.73 13.31 -4.96
C PRO B 292 -26.56 14.17 -5.41
N ILE B 293 -26.70 14.78 -6.58
CA ILE B 293 -25.67 15.66 -7.11
C ILE B 293 -26.28 17.06 -7.08
N LEU B 294 -25.75 17.89 -6.20
CA LEU B 294 -26.25 19.24 -6.00
C LEU B 294 -25.65 20.28 -6.94
N PRO B 295 -26.46 21.30 -7.30
CA PRO B 295 -26.00 22.37 -8.18
C PRO B 295 -24.90 23.14 -7.44
N PRO B 296 -23.97 23.75 -8.19
CA PRO B 296 -22.93 24.49 -7.49
C PRO B 296 -23.35 25.90 -7.12
N SER B 297 -22.78 26.43 -6.05
CA SER B 297 -23.08 27.79 -5.65
C SER B 297 -22.41 28.64 -6.72
N ASN B 298 -22.89 29.85 -6.93
CA ASN B 298 -22.28 30.73 -7.92
C ASN B 298 -21.98 32.06 -7.24
N ASN B 299 -21.58 33.05 -8.03
CA ASN B 299 -21.25 34.36 -7.47
C ASN B 299 -22.39 35.06 -6.75
N ASP B 300 -23.62 34.67 -7.05
CA ASP B 300 -24.79 35.29 -6.41
C ASP B 300 -25.23 34.56 -5.14
N THR B 301 -24.65 33.39 -4.90
CA THR B 301 -25.00 32.59 -3.72
C THR B 301 -24.43 33.13 -2.42
N PRO B 302 -25.30 33.41 -1.43
CA PRO B 302 -24.77 33.93 -0.16
C PRO B 302 -23.73 32.92 0.33
N ARG B 303 -22.55 33.42 0.71
CA ARG B 303 -21.46 32.56 1.16
C ARG B 303 -21.64 31.97 2.56
N SER B 304 -21.15 30.75 2.72
CA SER B 304 -21.23 30.06 3.99
C SER B 304 -20.46 30.84 5.04
N GLN B 305 -20.90 30.74 6.29
CA GLN B 305 -20.28 31.47 7.40
C GLN B 305 -19.97 30.51 8.54
N PRO B 306 -18.99 29.63 8.35
CA PRO B 306 -18.62 28.66 9.38
C PRO B 306 -18.01 29.22 10.66
N TYR B 307 -17.25 30.30 10.55
CA TYR B 307 -16.59 30.86 11.73
C TYR B 307 -17.02 32.28 12.08
N GLU B 308 -17.48 33.01 11.07
CA GLU B 308 -17.91 34.38 11.36
C GLU B 308 -19.13 34.46 12.26
N ALA C 1 32.34 22.70 -29.84
CA ALA C 1 32.66 22.58 -28.38
C ALA C 1 31.71 21.60 -27.69
N ASN C 2 31.41 20.50 -28.37
CA ASN C 2 30.52 19.47 -27.82
C ASN C 2 31.18 18.78 -26.63
N GLU C 3 30.39 18.29 -25.70
CA GLU C 3 30.93 17.63 -24.51
C GLU C 3 31.64 16.33 -24.79
N PRO C 4 32.74 16.07 -24.07
CA PRO C 4 33.56 14.86 -24.20
C PRO C 4 32.80 13.66 -23.64
N ILE C 5 31.69 13.95 -22.97
CA ILE C 5 30.84 12.92 -22.37
C ILE C 5 29.39 13.12 -22.83
N GLN C 6 28.71 12.02 -23.14
CA GLN C 6 27.32 12.08 -23.57
C GLN C 6 26.45 11.26 -22.62
N PRO C 7 25.15 11.55 -22.56
CA PRO C 7 24.24 10.82 -21.68
C PRO C 7 24.06 9.36 -22.09
N ILE C 8 23.77 8.52 -21.10
CA ILE C 8 23.54 7.10 -21.36
C ILE C 8 22.07 6.98 -21.73
N LYS C 9 21.78 6.31 -22.83
CA LYS C 9 20.40 6.15 -23.28
C LYS C 9 19.78 4.85 -22.81
N ALA C 10 18.49 4.92 -22.49
CA ALA C 10 17.77 3.74 -22.04
C ALA C 10 17.82 2.71 -23.16
N VAL C 11 17.73 1.43 -22.80
CA VAL C 11 17.78 0.36 -23.77
C VAL C 11 16.57 -0.55 -23.70
N THR C 12 16.02 -0.88 -24.87
CA THR C 12 14.90 -1.79 -24.97
C THR C 12 15.48 -3.03 -25.62
N PRO C 13 15.44 -4.17 -24.92
CA PRO C 13 15.98 -5.43 -25.44
C PRO C 13 15.36 -5.77 -26.79
N GLU C 14 16.20 -6.19 -27.73
CA GLU C 14 15.73 -6.58 -29.05
C GLU C 14 14.82 -7.80 -28.88
N ASN C 15 15.15 -8.63 -27.90
CA ASN C 15 14.38 -9.84 -27.61
C ASN C 15 14.15 -9.92 -26.11
N ALA C 16 12.98 -9.46 -25.67
CA ALA C 16 12.61 -9.45 -24.26
C ALA C 16 12.69 -10.82 -23.59
N ASP C 17 12.17 -11.84 -24.28
CA ASP C 17 12.17 -13.20 -23.75
C ASP C 17 13.60 -13.70 -23.57
N MET C 18 14.47 -13.36 -24.53
CA MET C 18 15.87 -13.78 -24.45
C MET C 18 16.57 -13.11 -23.27
N ALA C 19 16.24 -11.84 -23.04
CA ALA C 19 16.83 -11.10 -21.93
C ALA C 19 16.38 -11.68 -20.60
N GLU C 20 15.14 -12.16 -20.54
CA GLU C 20 14.63 -12.76 -19.32
C GLU C 20 15.34 -14.08 -19.05
N LEU C 21 15.58 -14.85 -20.11
CA LEU C 21 16.28 -16.13 -19.99
C LEU C 21 17.71 -15.83 -19.56
N GLY C 22 18.27 -14.76 -20.12
CA GLY C 22 19.63 -14.39 -19.77
C GLY C 22 19.72 -13.97 -18.31
N LYS C 23 18.71 -13.25 -17.84
CA LYS C 23 18.68 -12.79 -16.45
C LYS C 23 18.73 -13.99 -15.52
N MET C 24 17.88 -14.98 -15.79
CA MET C 24 17.82 -16.19 -14.97
C MET C 24 19.16 -16.90 -14.91
N LEU C 25 19.79 -17.09 -16.06
CA LEU C 25 21.09 -17.75 -16.13
C LEU C 25 22.17 -16.98 -15.38
N PHE C 26 22.11 -15.64 -15.45
CA PHE C 26 23.08 -14.78 -14.77
C PHE C 26 23.01 -14.97 -13.25
N PHE C 27 21.83 -15.31 -12.74
CA PHE C 27 21.63 -15.53 -11.30
C PHE C 27 21.64 -17.00 -10.88
N ASP C 28 21.83 -17.91 -11.83
CA ASP C 28 21.80 -19.34 -11.51
C ASP C 28 23.17 -19.85 -11.06
N PRO C 29 23.28 -20.22 -9.78
CA PRO C 29 24.58 -20.72 -9.31
C PRO C 29 24.89 -22.13 -9.80
N ARG C 30 23.92 -22.80 -10.42
CA ARG C 30 24.17 -24.15 -10.92
C ARG C 30 25.04 -24.16 -12.17
N LEU C 31 25.38 -22.99 -12.68
CA LEU C 31 26.28 -22.95 -13.84
C LEU C 31 27.69 -23.26 -13.33
N SER C 32 27.87 -23.15 -12.01
CA SER C 32 29.17 -23.42 -11.40
C SER C 32 29.25 -24.85 -10.89
N LYS C 33 30.47 -25.35 -10.72
CA LYS C 33 30.69 -26.70 -10.23
C LYS C 33 30.12 -26.88 -8.83
N SER C 34 30.29 -25.87 -7.99
CA SER C 34 29.83 -25.90 -6.60
C SER C 34 28.33 -25.74 -6.39
N GLY C 35 27.65 -25.12 -7.37
CA GLY C 35 26.23 -24.86 -7.24
C GLY C 35 26.06 -23.68 -6.31
N PHE C 36 27.16 -22.98 -6.01
CA PHE C 36 27.16 -21.85 -5.09
C PHE C 36 27.52 -20.51 -5.74
N ILE C 37 28.17 -20.56 -6.90
CA ILE C 37 28.61 -19.35 -7.58
C ILE C 37 27.87 -19.05 -8.89
N SER C 38 27.31 -17.85 -8.98
CA SER C 38 26.59 -17.41 -10.19
C SER C 38 27.33 -16.16 -10.70
N CYS C 39 26.90 -15.61 -11.84
CA CYS C 39 27.54 -14.40 -12.35
C CYS C 39 27.35 -13.29 -11.31
N ASN C 40 26.20 -13.30 -10.65
CA ASN C 40 25.85 -12.29 -9.66
C ASN C 40 26.74 -12.33 -8.43
N SER C 41 27.34 -13.48 -8.15
CA SER C 41 28.23 -13.59 -6.99
C SER C 41 29.40 -12.62 -7.12
N CYS C 42 29.97 -12.54 -8.32
CA CYS C 42 31.12 -11.66 -8.56
C CYS C 42 30.77 -10.32 -9.19
N HIS C 43 29.56 -10.22 -9.74
CA HIS C 43 29.09 -8.99 -10.38
C HIS C 43 27.73 -8.75 -9.74
N ASN C 44 27.76 -8.37 -8.48
CA ASN C 44 26.55 -8.19 -7.69
C ASN C 44 25.70 -7.00 -8.11
N LEU C 45 24.57 -7.28 -8.76
CA LEU C 45 23.70 -6.23 -9.25
C LEU C 45 22.99 -5.41 -8.17
N SER C 46 23.11 -5.84 -6.91
CA SER C 46 22.51 -5.10 -5.81
C SER C 46 23.54 -4.09 -5.33
N MET C 47 24.79 -4.28 -5.73
CA MET C 47 25.92 -3.46 -5.30
C MET C 47 26.70 -2.67 -6.35
N GLY C 48 26.25 -2.66 -7.59
CA GLY C 48 27.00 -1.92 -8.59
C GLY C 48 27.66 -2.79 -9.64
N GLY C 49 27.35 -4.09 -9.62
CA GLY C 49 27.91 -4.99 -10.61
C GLY C 49 29.28 -5.61 -10.43
N THR C 50 29.84 -5.53 -9.23
CA THR C 50 31.17 -6.11 -8.96
C THR C 50 31.09 -6.84 -7.62
N ASP C 51 32.23 -7.33 -7.12
CA ASP C 51 32.21 -8.03 -5.83
C ASP C 51 32.82 -7.19 -4.71
N ASN C 52 33.23 -5.96 -5.05
CA ASN C 52 33.78 -5.02 -4.12
C ASN C 52 34.88 -5.51 -3.18
N ILE C 53 35.77 -6.35 -3.72
CA ILE C 53 36.93 -6.85 -2.98
C ILE C 53 38.12 -6.77 -3.92
N THR C 54 39.34 -6.89 -3.40
CA THR C 54 40.54 -6.76 -4.25
C THR C 54 40.54 -7.64 -5.51
N THR C 55 40.35 -8.94 -5.34
CA THR C 55 40.26 -9.85 -6.49
C THR C 55 39.19 -10.87 -6.13
N SER C 56 38.59 -11.48 -7.14
CA SER C 56 37.48 -12.40 -6.94
C SER C 56 37.71 -13.74 -6.23
N ILE C 57 36.73 -14.09 -5.40
CA ILE C 57 36.73 -15.36 -4.68
C ILE C 57 36.11 -16.38 -5.64
N GLY C 58 36.87 -17.42 -6.00
CA GLY C 58 36.35 -18.43 -6.90
C GLY C 58 36.06 -19.76 -6.23
N HIS C 59 35.86 -20.80 -7.02
CA HIS C 59 35.57 -22.15 -6.50
C HIS C 59 36.57 -22.48 -5.39
N LYS C 60 36.06 -23.04 -4.29
CA LYS C 60 36.88 -23.40 -3.14
C LYS C 60 37.69 -22.23 -2.54
N TRP C 61 37.16 -21.04 -2.69
CA TRP C 61 37.76 -19.80 -2.17
C TRP C 61 39.13 -19.47 -2.74
N GLN C 62 39.32 -19.76 -4.02
CA GLN C 62 40.57 -19.43 -4.68
C GLN C 62 40.66 -17.92 -4.77
N GLN C 63 41.83 -17.35 -4.53
CA GLN C 63 42.01 -15.91 -4.60
C GLN C 63 42.32 -15.54 -6.05
N GLY C 64 41.39 -14.80 -6.67
CA GLY C 64 41.56 -14.42 -8.06
C GLY C 64 42.77 -13.58 -8.40
N PRO C 65 43.17 -13.56 -9.67
CA PRO C 65 44.32 -12.79 -10.15
C PRO C 65 44.10 -11.30 -10.39
N ILE C 66 42.84 -10.89 -10.56
CA ILE C 66 42.60 -9.49 -10.87
C ILE C 66 41.23 -8.99 -10.39
N ASN C 67 41.09 -7.67 -10.24
CA ASN C 67 39.85 -7.07 -9.75
C ASN C 67 38.71 -7.26 -10.75
N ALA C 68 37.56 -7.72 -10.28
CA ALA C 68 36.42 -7.93 -11.17
C ALA C 68 35.77 -6.60 -11.58
N PRO C 69 35.67 -6.34 -12.89
CA PRO C 69 35.06 -5.10 -13.38
C PRO C 69 33.55 -5.18 -13.33
N THR C 70 32.88 -4.04 -13.43
CA THR C 70 31.41 -4.03 -13.39
C THR C 70 30.80 -4.42 -14.73
N VAL C 71 29.67 -5.12 -14.67
CA VAL C 71 28.98 -5.50 -15.89
C VAL C 71 28.09 -4.35 -16.33
N LEU C 72 27.89 -3.38 -15.44
CA LEU C 72 27.05 -2.24 -15.76
C LEU C 72 27.67 -1.43 -16.90
N ASN C 73 26.90 -1.24 -17.96
CA ASN C 73 27.35 -0.49 -19.13
C ASN C 73 28.47 -1.17 -19.90
N SER C 74 28.73 -2.44 -19.58
CA SER C 74 29.80 -3.17 -20.24
C SER C 74 29.49 -3.37 -21.73
N SER C 75 28.23 -3.25 -22.11
CA SER C 75 27.88 -3.42 -23.51
C SER C 75 28.58 -2.37 -24.38
N MET C 76 29.02 -1.29 -23.74
CA MET C 76 29.70 -0.20 -24.44
C MET C 76 31.22 -0.37 -24.62
N ASN C 77 31.80 -1.41 -24.00
CA ASN C 77 33.23 -1.65 -24.12
C ASN C 77 33.66 -2.01 -25.54
N LEU C 78 34.85 -1.57 -25.94
CA LEU C 78 35.36 -1.87 -27.28
C LEU C 78 35.72 -3.34 -27.37
N ALA C 79 35.96 -3.95 -26.20
CA ALA C 79 36.32 -5.36 -26.07
C ALA C 79 36.09 -5.72 -24.60
N GLN C 80 36.11 -7.00 -24.26
CA GLN C 80 35.87 -7.38 -22.86
C GLN C 80 37.12 -7.94 -22.18
N PHE C 81 37.19 -7.76 -20.86
CA PHE C 81 38.32 -8.17 -20.02
C PHE C 81 39.33 -7.04 -19.96
N TRP C 82 40.15 -7.00 -18.91
CA TRP C 82 41.14 -5.94 -18.77
C TRP C 82 42.10 -5.82 -19.95
N ASP C 83 42.38 -6.94 -20.61
CA ASP C 83 43.30 -6.92 -21.76
C ASP C 83 42.53 -7.02 -23.07
N GLY C 84 41.22 -6.93 -22.99
CA GLY C 84 40.38 -6.99 -24.18
C GLY C 84 40.51 -8.24 -25.04
N ARG C 85 40.91 -9.34 -24.43
CA ARG C 85 41.09 -10.59 -25.17
C ARG C 85 39.77 -11.17 -25.71
N ALA C 86 38.64 -10.71 -25.17
CA ALA C 86 37.33 -11.17 -25.63
C ALA C 86 36.70 -10.08 -26.49
N LYS C 87 36.19 -10.48 -27.65
CA LYS C 87 35.59 -9.54 -28.59
C LYS C 87 34.30 -8.85 -28.13
N ASP C 88 33.41 -9.60 -27.49
CA ASP C 88 32.16 -9.04 -27.03
C ASP C 88 31.58 -9.81 -25.85
N LEU C 89 30.44 -9.34 -25.33
CA LEU C 89 29.77 -9.98 -24.20
C LEU C 89 29.53 -11.47 -24.38
N LYS C 90 29.06 -11.84 -25.57
CA LYS C 90 28.79 -13.24 -25.86
C LYS C 90 30.02 -14.12 -25.69
N GLU C 91 31.14 -13.70 -26.28
CA GLU C 91 32.38 -14.48 -26.17
C GLU C 91 32.85 -14.52 -24.73
N GLN C 92 32.71 -13.39 -24.05
CA GLN C 92 33.14 -13.27 -22.66
C GLN C 92 32.45 -14.27 -21.73
N ALA C 93 31.13 -14.35 -21.83
CA ALA C 93 30.34 -15.22 -20.97
C ALA C 93 30.75 -16.69 -20.90
N ALA C 94 31.39 -17.20 -21.96
CA ALA C 94 31.81 -18.59 -21.96
C ALA C 94 33.02 -18.82 -21.06
N GLY C 95 33.76 -17.75 -20.77
CA GLY C 95 34.96 -17.87 -19.96
C GLY C 95 34.82 -18.32 -18.52
N PRO C 96 34.16 -17.52 -17.67
CA PRO C 96 33.96 -17.86 -16.26
C PRO C 96 33.38 -19.25 -15.96
N ILE C 97 32.45 -19.69 -16.79
CA ILE C 97 31.81 -20.99 -16.61
C ILE C 97 32.81 -22.14 -16.58
N ALA C 98 33.78 -22.10 -17.48
CA ALA C 98 34.79 -23.14 -17.58
C ALA C 98 36.15 -22.76 -16.99
N ASN C 99 36.20 -21.64 -16.27
CA ASN C 99 37.44 -21.18 -15.66
C ASN C 99 37.64 -21.88 -14.31
N PRO C 100 38.70 -22.70 -14.19
CA PRO C 100 38.96 -23.41 -12.94
C PRO C 100 39.14 -22.50 -11.72
N LYS C 101 39.50 -21.25 -11.96
CA LYS C 101 39.69 -20.30 -10.86
C LYS C 101 38.40 -19.59 -10.49
N GLU C 102 37.37 -19.72 -11.32
CA GLU C 102 36.11 -19.06 -11.03
C GLU C 102 34.96 -20.05 -10.82
N MET C 103 34.12 -20.27 -11.84
CA MET C 103 33.00 -21.18 -11.66
C MET C 103 33.44 -22.65 -11.69
N ALA C 104 34.55 -22.91 -12.37
CA ALA C 104 35.14 -24.26 -12.46
C ALA C 104 34.30 -25.40 -13.00
N SER C 105 33.36 -25.10 -13.88
CA SER C 105 32.55 -26.18 -14.47
C SER C 105 33.08 -26.37 -15.90
N THR C 106 32.22 -26.87 -16.78
CA THR C 106 32.58 -27.06 -18.18
C THR C 106 31.33 -26.70 -18.99
N HIS C 107 31.51 -26.30 -20.24
CA HIS C 107 30.36 -25.95 -21.08
C HIS C 107 29.46 -27.16 -21.24
N GLU C 108 30.08 -28.34 -21.32
CA GLU C 108 29.34 -29.59 -21.48
C GLU C 108 28.40 -29.83 -20.30
N ILE C 109 28.94 -29.70 -19.10
CA ILE C 109 28.17 -29.89 -17.88
C ILE C 109 27.10 -28.81 -17.71
N ALA C 110 27.45 -27.55 -17.99
CA ALA C 110 26.49 -26.45 -17.89
C ALA C 110 25.27 -26.72 -18.78
N GLU C 111 25.53 -27.23 -19.99
CA GLU C 111 24.46 -27.54 -20.93
C GLU C 111 23.51 -28.60 -20.36
N LYS C 112 24.07 -29.66 -19.79
CA LYS C 112 23.27 -30.74 -19.23
C LYS C 112 22.43 -30.26 -18.05
N VAL C 113 23.03 -29.41 -17.22
CA VAL C 113 22.33 -28.88 -16.07
C VAL C 113 21.09 -28.10 -16.49
N VAL C 114 21.27 -27.14 -17.39
CA VAL C 114 20.15 -26.32 -17.84
C VAL C 114 19.11 -27.15 -18.58
N ALA C 115 19.57 -28.05 -19.45
CA ALA C 115 18.67 -28.88 -20.23
C ALA C 115 17.85 -29.86 -19.40
N SER C 116 18.35 -30.21 -18.22
CA SER C 116 17.64 -31.16 -17.35
C SER C 116 16.34 -30.59 -16.80
N MET C 117 16.19 -29.27 -16.84
CA MET C 117 14.99 -28.62 -16.31
C MET C 117 13.99 -28.19 -17.38
N PRO C 118 12.79 -28.80 -17.37
CA PRO C 118 11.72 -28.50 -18.33
C PRO C 118 11.43 -27.01 -18.51
N GLN C 119 11.37 -26.28 -17.40
CA GLN C 119 11.08 -24.84 -17.47
C GLN C 119 12.12 -24.07 -18.26
N TYR C 120 13.38 -24.50 -18.21
CA TYR C 120 14.43 -23.85 -18.98
C TYR C 120 14.28 -24.27 -20.45
N ARG C 121 14.04 -25.55 -20.69
CA ARG C 121 13.88 -26.03 -22.07
C ARG C 121 12.78 -25.27 -22.79
N GLU C 122 11.67 -25.03 -22.10
CA GLU C 122 10.54 -24.29 -22.67
C GLU C 122 10.94 -22.88 -23.08
N ARG C 123 11.80 -22.25 -22.28
CA ARG C 123 12.25 -20.89 -22.58
C ARG C 123 13.20 -20.87 -23.77
N PHE C 124 14.05 -21.89 -23.88
CA PHE C 124 14.97 -21.96 -25.00
C PHE C 124 14.17 -22.16 -26.28
N LYS C 125 13.04 -22.88 -26.17
CA LYS C 125 12.17 -23.16 -27.31
C LYS C 125 11.49 -21.86 -27.74
N LYS C 126 10.98 -21.12 -26.77
CA LYS C 126 10.31 -19.86 -27.01
C LYS C 126 11.26 -18.88 -27.68
N VAL C 127 12.46 -18.77 -27.10
CA VAL C 127 13.47 -17.85 -27.61
C VAL C 127 14.21 -18.24 -28.87
N PHE C 128 14.66 -19.49 -28.96
CA PHE C 128 15.42 -19.92 -30.13
C PHE C 128 14.73 -20.80 -31.16
N GLY C 129 13.53 -21.29 -30.86
CA GLY C 129 12.82 -22.12 -31.82
C GLY C 129 12.77 -23.60 -31.46
N SER C 130 13.77 -24.07 -30.72
CA SER C 130 13.83 -25.47 -30.28
C SER C 130 14.26 -25.48 -28.81
N ASP C 131 14.02 -26.59 -28.13
CA ASP C 131 14.38 -26.68 -26.72
C ASP C 131 15.81 -27.17 -26.49
N GLU C 132 16.64 -27.16 -27.52
CA GLU C 132 18.02 -27.60 -27.40
C GLU C 132 18.87 -26.57 -26.65
N VAL C 133 19.66 -27.05 -25.69
CA VAL C 133 20.51 -26.17 -24.89
C VAL C 133 21.97 -26.31 -25.28
N THR C 134 22.58 -25.20 -25.66
CA THR C 134 23.99 -25.19 -26.02
C THR C 134 24.64 -23.98 -25.36
N ILE C 135 25.95 -24.07 -25.14
CA ILE C 135 26.66 -22.96 -24.53
C ILE C 135 26.50 -21.72 -25.41
N ASP C 136 26.38 -21.92 -26.72
CA ASP C 136 26.22 -20.80 -27.64
C ASP C 136 24.93 -20.04 -27.34
N ARG C 137 23.82 -20.76 -27.16
CA ARG C 137 22.55 -20.11 -26.87
C ARG C 137 22.58 -19.51 -25.47
N ILE C 138 23.26 -20.21 -24.57
CA ILE C 138 23.39 -19.74 -23.18
C ILE C 138 24.10 -18.39 -23.16
N THR C 139 25.26 -18.30 -23.82
CA THR C 139 26.01 -17.05 -23.83
C THR C 139 25.26 -15.96 -24.61
N THR C 140 24.52 -16.35 -25.64
CA THR C 140 23.75 -15.37 -26.41
C THR C 140 22.66 -14.76 -25.52
N ALA C 141 22.04 -15.57 -24.68
CA ALA C 141 21.00 -15.08 -23.80
C ALA C 141 21.59 -14.18 -22.72
N ILE C 142 22.67 -14.61 -22.09
CA ILE C 142 23.30 -13.80 -21.04
C ILE C 142 23.72 -12.45 -21.61
N ALA C 143 24.31 -12.47 -22.80
CA ALA C 143 24.74 -11.24 -23.45
C ALA C 143 23.56 -10.28 -23.65
N GLN C 144 22.43 -10.80 -24.12
CA GLN C 144 21.24 -9.98 -24.35
C GLN C 144 20.81 -9.32 -23.04
N PHE C 145 20.85 -10.07 -21.94
CA PHE C 145 20.48 -9.52 -20.65
C PHE C 145 21.46 -8.42 -20.26
N GLU C 146 22.75 -8.65 -20.48
CA GLU C 146 23.75 -7.65 -20.13
C GLU C 146 23.60 -6.35 -20.92
N GLU C 147 23.07 -6.44 -22.14
CA GLU C 147 22.85 -5.24 -22.97
C GLU C 147 21.86 -4.31 -22.26
N THR C 148 21.00 -4.87 -21.43
CA THR C 148 20.00 -4.08 -20.71
C THR C 148 20.55 -3.47 -19.43
N LEU C 149 21.74 -3.90 -19.03
CA LEU C 149 22.35 -3.40 -17.81
C LEU C 149 23.03 -2.05 -17.94
N VAL C 150 22.37 -1.10 -18.60
CA VAL C 150 22.91 0.25 -18.74
C VAL C 150 22.29 1.06 -17.60
N THR C 151 22.93 2.15 -17.21
CA THR C 151 22.43 2.94 -16.10
C THR C 151 22.21 4.41 -16.44
N PRO C 152 21.11 4.71 -17.15
CA PRO C 152 20.83 6.11 -17.49
C PRO C 152 20.30 6.84 -16.25
N GLY C 153 20.20 8.16 -16.33
CA GLY C 153 19.64 8.92 -15.23
C GLY C 153 20.54 9.48 -14.15
N SER C 154 21.86 9.37 -14.31
CA SER C 154 22.76 9.92 -13.29
C SER C 154 22.57 11.43 -13.23
N LYS C 155 22.94 12.04 -12.11
CA LYS C 155 22.81 13.48 -11.99
C LYS C 155 23.60 14.20 -13.07
N PHE C 156 24.79 13.69 -13.40
CA PHE C 156 25.59 14.34 -14.43
C PHE C 156 24.87 14.33 -15.77
N ASP C 157 24.20 13.24 -16.09
CA ASP C 157 23.47 13.14 -17.35
C ASP C 157 22.32 14.13 -17.37
N LYS C 158 21.69 14.32 -16.23
CA LYS C 158 20.58 15.27 -16.16
C LYS C 158 21.09 16.68 -16.41
N TRP C 159 22.31 16.95 -15.93
CA TRP C 159 22.94 18.25 -16.12
C TRP C 159 23.24 18.42 -17.61
N LEU C 160 23.78 17.36 -18.23
CA LEU C 160 24.10 17.40 -19.65
C LEU C 160 22.85 17.64 -20.49
N GLU C 161 21.72 17.17 -19.99
CA GLU C 161 20.45 17.32 -20.70
C GLU C 161 19.79 18.68 -20.50
N GLY C 162 20.40 19.53 -19.68
CA GLY C 162 19.84 20.86 -19.46
C GLY C 162 19.40 21.24 -18.06
N ASP C 163 19.46 20.30 -17.11
CA ASP C 163 19.06 20.61 -15.74
C ASP C 163 20.24 21.19 -14.98
N LYS C 164 20.39 22.51 -15.05
CA LYS C 164 21.49 23.19 -14.39
C LYS C 164 21.66 22.96 -12.89
N ASN C 165 20.56 22.64 -12.20
CA ASN C 165 20.63 22.41 -10.77
C ASN C 165 20.97 20.97 -10.38
N ALA C 166 21.22 20.12 -11.38
CA ALA C 166 21.55 18.72 -11.13
C ALA C 166 22.94 18.59 -10.51
N LEU C 167 23.77 19.62 -10.69
CA LEU C 167 25.11 19.63 -10.14
C LEU C 167 25.28 20.84 -9.23
N ASN C 168 25.99 20.66 -8.12
CA ASN C 168 26.24 21.79 -7.23
C ASN C 168 27.58 22.37 -7.65
N GLN C 169 27.98 23.49 -7.04
CA GLN C 169 29.22 24.15 -7.39
C GLN C 169 30.47 23.27 -7.36
N ASP C 170 30.63 22.46 -6.31
CA ASP C 170 31.81 21.59 -6.21
C ASP C 170 31.83 20.56 -7.33
N GLU C 171 30.67 19.98 -7.63
CA GLU C 171 30.56 18.98 -8.67
C GLU C 171 30.90 19.56 -10.04
N LEU C 172 30.41 20.77 -10.31
CA LEU C 172 30.69 21.42 -11.58
C LEU C 172 32.19 21.73 -11.71
N GLU C 173 32.78 22.25 -10.64
CA GLU C 173 34.20 22.55 -10.69
C GLU C 173 34.98 21.25 -10.88
N GLY C 174 34.48 20.17 -10.29
CA GLY C 174 35.13 18.88 -10.41
C GLY C 174 35.14 18.44 -11.87
N TYR C 175 34.01 18.63 -12.55
CA TYR C 175 33.92 18.25 -13.95
C TYR C 175 34.86 19.13 -14.79
N ASN C 176 34.89 20.43 -14.49
CA ASN C 176 35.77 21.33 -15.22
C ASN C 176 37.23 20.94 -15.05
N LEU C 177 37.59 20.44 -13.88
CA LEU C 177 38.97 20.00 -13.64
C LEU C 177 39.23 18.68 -14.36
N PHE C 178 38.23 17.81 -14.35
CA PHE C 178 38.31 16.51 -15.02
C PHE C 178 38.62 16.77 -16.49
N LYS C 179 37.88 17.71 -17.08
CA LYS C 179 38.08 18.06 -18.49
C LYS C 179 39.38 18.84 -18.71
N GLY C 180 39.54 19.93 -17.97
CA GLY C 180 40.72 20.76 -18.12
C GLY C 180 42.06 20.10 -17.85
N SER C 181 42.12 19.21 -16.86
CA SER C 181 43.37 18.55 -16.52
C SER C 181 43.83 17.52 -17.55
N GLY C 182 42.88 16.96 -18.30
CA GLY C 182 43.24 15.98 -19.31
C GLY C 182 42.66 14.58 -19.14
N CYS C 183 41.88 14.38 -18.09
CA CYS C 183 41.27 13.06 -17.83
C CYS C 183 40.46 12.59 -19.04
N VAL C 184 39.76 13.51 -19.70
CA VAL C 184 38.93 13.17 -20.85
C VAL C 184 39.70 12.65 -22.06
N GLN C 185 41.03 12.72 -22.02
CA GLN C 185 41.83 12.21 -23.12
C GLN C 185 41.54 10.72 -23.24
N CYS C 186 41.36 10.06 -22.09
CA CYS C 186 41.12 8.63 -22.06
C CYS C 186 39.74 8.22 -21.55
N HIS C 187 39.20 9.01 -20.62
CA HIS C 187 37.88 8.72 -20.06
C HIS C 187 36.87 9.64 -20.74
N ASN C 188 36.26 9.14 -21.82
CA ASN C 188 35.31 9.94 -22.57
C ASN C 188 34.19 9.11 -23.16
N GLY C 189 33.28 9.78 -23.87
CA GLY C 189 32.16 9.08 -24.48
C GLY C 189 31.07 8.84 -23.46
N PRO C 190 30.00 8.13 -23.85
CA PRO C 190 28.88 7.84 -22.94
C PRO C 190 29.29 7.10 -21.67
N ALA C 191 30.28 6.24 -21.80
CA ALA C 191 30.75 5.46 -20.66
C ALA C 191 31.89 6.10 -19.87
N VAL C 192 32.36 7.27 -20.33
CA VAL C 192 33.47 7.96 -19.65
C VAL C 192 34.62 6.97 -19.49
N GLY C 193 34.93 6.29 -20.59
CA GLY C 193 36.00 5.29 -20.62
C GLY C 193 35.52 4.11 -21.42
N GLY C 194 36.28 3.01 -21.39
CA GLY C 194 35.91 1.80 -22.10
C GLY C 194 35.99 1.77 -23.61
N SER C 195 36.51 2.83 -24.24
CA SER C 195 36.60 2.85 -25.69
C SER C 195 38.00 2.74 -26.29
N SER C 196 38.99 2.47 -25.46
CA SER C 196 40.37 2.33 -25.96
C SER C 196 41.28 1.69 -24.91
N TYR C 197 42.49 1.34 -25.33
CA TYR C 197 43.48 0.78 -24.44
C TYR C 197 44.51 1.87 -24.20
N GLN C 198 44.89 2.08 -22.95
CA GLN C 198 45.86 3.12 -22.61
C GLN C 198 46.88 2.58 -21.61
N LYS C 199 48.03 3.22 -21.55
CA LYS C 199 49.08 2.83 -20.62
C LYS C 199 48.71 3.21 -19.18
N MET C 200 48.94 2.30 -18.24
CA MET C 200 48.71 2.59 -16.84
C MET C 200 50.09 2.93 -16.32
N GLY C 201 50.38 4.22 -16.23
CA GLY C 201 51.69 4.68 -15.77
C GLY C 201 52.42 5.35 -16.93
N VAL C 202 51.87 6.48 -17.38
CA VAL C 202 52.47 7.21 -18.49
C VAL C 202 53.80 7.88 -18.15
N PHE C 203 53.80 8.72 -17.12
CA PHE C 203 55.01 9.43 -16.71
C PHE C 203 55.86 8.66 -15.73
N LYS C 204 55.20 7.86 -14.90
CA LYS C 204 55.87 7.05 -13.89
C LYS C 204 55.14 5.72 -13.81
N PRO C 205 55.84 4.64 -13.42
CA PRO C 205 55.15 3.35 -13.35
C PRO C 205 54.17 3.26 -12.18
N TYR C 206 53.16 2.40 -12.33
CA TYR C 206 52.17 2.19 -11.28
C TYR C 206 52.77 1.10 -10.39
N GLU C 207 52.99 1.42 -9.12
CA GLU C 207 53.58 0.45 -8.19
C GLU C 207 52.58 -0.60 -7.72
N THR C 208 52.88 -1.86 -8.02
CA THR C 208 52.00 -2.97 -7.64
C THR C 208 52.77 -4.28 -7.65
N LYS C 209 52.30 -5.23 -6.85
CA LYS C 209 52.91 -6.55 -6.80
C LYS C 209 52.15 -7.47 -7.74
N ASN C 210 51.00 -7.00 -8.23
CA ASN C 210 50.20 -7.78 -9.14
C ASN C 210 50.96 -7.92 -10.46
N PRO C 211 51.15 -9.17 -10.95
CA PRO C 211 51.88 -9.49 -12.18
C PRO C 211 51.20 -9.23 -13.52
N ALA C 212 49.91 -8.87 -13.50
CA ALA C 212 49.19 -8.62 -14.74
C ALA C 212 49.93 -7.63 -15.63
N ALA C 213 50.11 -7.99 -16.91
CA ALA C 213 50.81 -7.13 -17.85
C ALA C 213 49.89 -6.50 -18.89
N GLY C 214 48.60 -6.79 -18.79
CA GLY C 214 47.63 -6.22 -19.72
C GLY C 214 47.76 -6.70 -21.15
N ARG C 215 47.59 -5.77 -22.10
CA ARG C 215 47.64 -6.08 -23.51
C ARG C 215 48.84 -6.91 -23.96
N MET C 216 49.97 -6.79 -23.27
CA MET C 216 51.14 -7.57 -23.67
C MET C 216 50.78 -9.05 -23.66
N ASP C 217 49.82 -9.43 -22.81
CA ASP C 217 49.38 -10.82 -22.72
C ASP C 217 48.80 -11.28 -24.06
N VAL C 218 48.22 -10.33 -24.79
CA VAL C 218 47.61 -10.64 -26.08
C VAL C 218 48.59 -10.50 -27.24
N THR C 219 49.40 -9.45 -27.22
CA THR C 219 50.35 -9.18 -28.31
C THR C 219 51.78 -9.66 -28.10
N GLY C 220 52.22 -9.72 -26.85
CA GLY C 220 53.58 -10.14 -26.57
C GLY C 220 54.58 -9.02 -26.80
N ASN C 221 54.09 -7.85 -27.20
CA ASN C 221 54.95 -6.71 -27.45
C ASN C 221 55.20 -5.91 -26.18
N GLU C 222 56.46 -5.59 -25.92
CA GLU C 222 56.84 -4.84 -24.73
C GLU C 222 56.12 -3.48 -24.67
N ALA C 223 55.80 -2.94 -25.84
CA ALA C 223 55.12 -1.64 -25.89
C ALA C 223 53.71 -1.73 -25.30
N ASP C 224 53.21 -2.95 -25.16
CA ASP C 224 51.87 -3.15 -24.62
C ASP C 224 51.86 -3.54 -23.16
N ARG C 225 53.04 -3.62 -22.55
CA ARG C 225 53.13 -3.98 -21.14
C ARG C 225 52.44 -2.90 -20.33
N ASN C 226 51.53 -3.30 -19.45
CA ASN C 226 50.81 -2.37 -18.59
C ASN C 226 49.82 -1.49 -19.34
N VAL C 227 49.42 -1.92 -20.52
CA VAL C 227 48.42 -1.21 -21.30
C VAL C 227 47.12 -1.97 -21.07
N PHE C 228 46.12 -1.27 -20.54
CA PHE C 228 44.84 -1.91 -20.26
C PHE C 228 43.69 -1.16 -20.89
N LYS C 229 42.54 -1.81 -20.93
CA LYS C 229 41.34 -1.17 -21.44
C LYS C 229 41.01 -0.11 -20.40
N VAL C 230 40.62 1.08 -20.85
CA VAL C 230 40.26 2.15 -19.93
C VAL C 230 38.90 1.79 -19.31
N PRO C 231 38.84 1.67 -17.97
CA PRO C 231 37.55 1.34 -17.36
C PRO C 231 36.53 2.47 -17.47
N THR C 232 35.26 2.10 -17.44
CA THR C 232 34.19 3.08 -17.46
C THR C 232 34.19 3.72 -16.07
N LEU C 233 33.94 5.02 -15.98
CA LEU C 233 33.88 5.67 -14.68
C LEU C 233 32.42 5.81 -14.24
N ARG C 234 31.51 5.29 -15.05
CA ARG C 234 30.10 5.33 -14.67
C ARG C 234 29.97 4.41 -13.46
N ASN C 235 29.24 4.87 -12.45
CA ASN C 235 29.01 4.10 -11.23
C ASN C 235 30.31 3.76 -10.49
N ILE C 236 31.36 4.53 -10.74
CA ILE C 236 32.66 4.30 -10.10
C ILE C 236 32.52 4.38 -8.58
N GLU C 237 31.50 5.11 -8.13
CA GLU C 237 31.22 5.24 -6.69
C GLU C 237 30.87 3.88 -6.07
N LEU C 238 30.34 2.98 -6.88
CA LEU C 238 29.89 1.68 -6.39
C LEU C 238 30.84 0.52 -6.65
N THR C 239 31.97 0.79 -7.31
CA THR C 239 32.84 -0.30 -7.68
C THR C 239 34.22 -0.39 -7.06
N TYR C 240 34.35 0.15 -5.85
CA TYR C 240 35.60 0.11 -5.10
C TYR C 240 35.90 -1.37 -4.80
N PRO C 241 37.17 -1.74 -4.58
CA PRO C 241 38.38 -0.93 -4.61
C PRO C 241 38.75 -0.66 -6.06
N TYR C 242 39.72 0.22 -6.29
CA TYR C 242 40.06 0.61 -7.66
C TYR C 242 41.34 0.10 -8.28
N PHE C 243 41.40 0.22 -9.61
CA PHE C 243 42.51 -0.23 -10.45
C PHE C 243 42.47 -1.76 -10.57
N HIS C 244 43.15 -2.31 -11.57
CA HIS C 244 43.08 -3.75 -11.79
C HIS C 244 43.55 -4.63 -10.62
N ASP C 245 44.36 -4.07 -9.72
CA ASP C 245 44.83 -4.86 -8.58
C ASP C 245 44.02 -4.55 -7.32
N GLY C 246 43.05 -3.65 -7.44
CA GLY C 246 42.24 -3.27 -6.31
C GLY C 246 43.11 -2.58 -5.28
N GLY C 247 44.23 -2.04 -5.75
CA GLY C 247 45.19 -1.38 -4.87
C GLY C 247 44.80 -0.05 -4.25
N ALA C 248 43.88 0.67 -4.89
CA ALA C 248 43.45 1.96 -4.35
C ALA C 248 42.07 1.78 -3.71
N ALA C 249 42.03 1.82 -2.38
CA ALA C 249 40.77 1.62 -1.68
C ALA C 249 39.77 2.77 -1.79
N THR C 250 40.25 3.98 -2.01
CA THR C 250 39.37 5.14 -2.09
C THR C 250 39.46 5.88 -3.43
N LEU C 251 38.41 6.63 -3.74
CA LEU C 251 38.38 7.40 -4.99
C LEU C 251 39.40 8.52 -4.96
N GLU C 252 39.64 9.09 -3.78
CA GLU C 252 40.62 10.16 -3.64
C GLU C 252 41.98 9.63 -4.05
N GLN C 253 42.32 8.44 -3.57
CA GLN C 253 43.61 7.85 -3.88
C GLN C 253 43.72 7.54 -5.38
N ALA C 254 42.63 7.03 -5.96
CA ALA C 254 42.63 6.71 -7.39
C ALA C 254 42.86 7.97 -8.22
N VAL C 255 42.18 9.05 -7.85
CA VAL C 255 42.32 10.32 -8.55
C VAL C 255 43.73 10.90 -8.41
N GLU C 256 44.29 10.86 -7.20
CA GLU C 256 45.62 11.40 -7.00
C GLU C 256 46.63 10.63 -7.81
N THR C 257 46.47 9.30 -7.84
CA THR C 257 47.39 8.46 -8.58
C THR C 257 47.28 8.73 -10.07
N MET C 258 46.04 8.82 -10.56
CA MET C 258 45.80 9.10 -11.96
C MET C 258 46.41 10.44 -12.38
N GLY C 259 46.17 11.47 -11.58
CA GLY C 259 46.73 12.77 -11.92
C GLY C 259 48.25 12.71 -11.94
N ARG C 260 48.83 12.04 -10.95
CA ARG C 260 50.27 11.94 -10.84
C ARG C 260 50.98 11.15 -11.92
N ILE C 261 50.58 9.90 -12.16
CA ILE C 261 51.26 9.08 -13.15
C ILE C 261 50.76 9.13 -14.59
N GLN C 262 49.56 9.67 -14.80
CA GLN C 262 49.01 9.75 -16.16
C GLN C 262 49.15 11.15 -16.74
N LEU C 263 49.20 12.15 -15.86
CA LEU C 263 49.28 13.55 -16.28
C LEU C 263 50.41 14.37 -15.66
N ASN C 264 51.20 13.75 -14.79
CA ASN C 264 52.31 14.45 -14.13
C ASN C 264 51.74 15.68 -13.43
N ARG C 265 50.57 15.50 -12.81
CA ARG C 265 49.86 16.58 -12.13
C ARG C 265 49.55 16.21 -10.68
N GLU C 266 50.08 16.98 -9.74
CA GLU C 266 49.80 16.74 -8.33
C GLU C 266 48.64 17.62 -7.88
N PHE C 267 47.46 17.04 -7.78
CA PHE C 267 46.27 17.79 -7.36
C PHE C 267 46.33 18.10 -5.88
N ASN C 268 45.84 19.27 -5.48
CA ASN C 268 45.81 19.59 -4.05
C ASN C 268 44.55 18.94 -3.50
N LYS C 269 44.42 18.91 -2.19
CA LYS C 269 43.27 18.27 -1.55
C LYS C 269 41.89 18.71 -2.02
N ASP C 270 41.67 20.02 -2.16
CA ASP C 270 40.36 20.51 -2.59
C ASP C 270 40.05 20.13 -4.03
N GLU C 271 41.09 20.09 -4.87
CA GLU C 271 40.92 19.72 -6.28
C GLU C 271 40.47 18.26 -6.35
N VAL C 272 41.13 17.42 -5.55
CA VAL C 272 40.79 16.01 -5.51
C VAL C 272 39.36 15.86 -5.01
N SER C 273 39.02 16.58 -3.96
CA SER C 273 37.68 16.51 -3.40
C SER C 273 36.62 16.86 -4.44
N LYS C 274 36.89 17.87 -5.26
CA LYS C 274 35.93 18.27 -6.28
C LYS C 274 35.80 17.24 -7.40
N ILE C 275 36.92 16.67 -7.83
CA ILE C 275 36.86 15.67 -8.89
C ILE C 275 36.08 14.46 -8.37
N VAL C 276 36.36 14.03 -7.14
CA VAL C 276 35.65 12.90 -6.56
C VAL C 276 34.14 13.19 -6.49
N ALA C 277 33.77 14.43 -6.14
CA ALA C 277 32.35 14.79 -6.06
C ALA C 277 31.74 14.60 -7.44
N PHE C 278 32.44 15.07 -8.47
CA PHE C 278 31.96 14.93 -9.83
C PHE C 278 31.80 13.44 -10.18
N LEU C 279 32.81 12.63 -9.88
CA LEU C 279 32.73 11.20 -10.19
C LEU C 279 31.50 10.52 -9.61
N LYS C 280 31.09 10.92 -8.41
CA LYS C 280 29.91 10.32 -7.80
C LYS C 280 28.63 10.70 -8.54
N THR C 281 28.66 11.79 -9.32
CA THR C 281 27.45 12.17 -10.07
C THR C 281 27.32 11.31 -11.32
N LEU C 282 28.26 10.38 -11.49
CA LEU C 282 28.23 9.46 -12.63
C LEU C 282 27.49 8.17 -12.27
N THR C 283 26.90 8.12 -11.09
CA THR C 283 26.14 6.94 -10.66
C THR C 283 24.73 7.06 -11.23
N GLY C 284 24.34 6.10 -12.07
CA GLY C 284 23.03 6.15 -12.69
C GLY C 284 21.97 5.27 -12.03
N ASP C 285 20.84 5.10 -12.70
CA ASP C 285 19.76 4.28 -12.16
C ASP C 285 20.20 2.82 -12.16
N GLN C 286 20.08 2.15 -11.02
CA GLN C 286 20.50 0.76 -10.94
C GLN C 286 19.45 -0.22 -11.48
N PRO C 287 19.87 -1.46 -11.80
CA PRO C 287 18.94 -2.45 -12.34
C PRO C 287 17.64 -2.51 -11.55
N ASP C 288 16.52 -2.41 -12.27
CA ASP C 288 15.20 -2.42 -11.67
C ASP C 288 14.39 -3.58 -12.23
N PHE C 289 14.39 -4.70 -11.50
CA PHE C 289 13.64 -5.87 -11.93
C PHE C 289 13.38 -6.80 -10.76
N LYS C 290 12.41 -7.69 -10.92
CA LYS C 290 12.07 -8.63 -9.86
C LYS C 290 13.16 -9.67 -9.67
N LEU C 291 13.37 -10.08 -8.43
CA LEU C 291 14.36 -11.11 -8.13
C LEU C 291 13.94 -12.32 -8.98
N PRO C 292 14.85 -12.83 -9.83
CA PRO C 292 14.45 -13.99 -10.63
C PRO C 292 14.16 -15.25 -9.83
N ILE C 293 13.10 -15.95 -10.20
CA ILE C 293 12.71 -17.19 -9.55
C ILE C 293 13.15 -18.29 -10.52
N LEU C 294 14.06 -19.13 -10.08
CA LEU C 294 14.62 -20.18 -10.92
C LEU C 294 13.94 -21.54 -10.75
N PRO C 295 13.91 -22.34 -11.83
CA PRO C 295 13.29 -23.66 -11.72
C PRO C 295 14.10 -24.59 -10.85
N PRO C 296 13.45 -25.53 -10.17
CA PRO C 296 14.18 -26.46 -9.31
C PRO C 296 14.90 -27.54 -10.07
N SER C 297 16.02 -27.99 -9.51
CA SER C 297 16.78 -29.07 -10.11
C SER C 297 15.86 -30.28 -9.89
N ASN C 298 16.06 -31.35 -10.67
CA ASN C 298 15.25 -32.55 -10.49
C ASN C 298 16.17 -33.77 -10.49
N ASN C 299 15.61 -34.97 -10.39
CA ASN C 299 16.44 -36.17 -10.33
C ASN C 299 17.40 -36.35 -11.49
N ASP C 300 17.13 -35.70 -12.62
CA ASP C 300 17.99 -35.80 -13.81
C ASP C 300 19.12 -34.76 -13.84
N THR C 301 19.02 -33.77 -12.97
CA THR C 301 20.03 -32.70 -12.92
C THR C 301 21.36 -33.13 -12.29
N PRO C 302 22.49 -32.87 -12.98
CA PRO C 302 23.80 -33.24 -12.43
C PRO C 302 23.90 -32.55 -11.07
N ARG C 303 24.30 -33.29 -10.04
CA ARG C 303 24.36 -32.69 -8.71
C ARG C 303 25.58 -31.81 -8.44
N SER C 304 25.36 -30.76 -7.66
CA SER C 304 26.42 -29.82 -7.31
C SER C 304 27.56 -30.51 -6.57
N GLN C 305 28.78 -30.03 -6.78
CA GLN C 305 29.97 -30.59 -6.14
C GLN C 305 30.74 -29.51 -5.40
N PRO C 306 30.16 -28.98 -4.32
CA PRO C 306 30.80 -27.92 -3.54
C PRO C 306 32.11 -28.34 -2.86
N TYR C 307 32.21 -29.60 -2.46
CA TYR C 307 33.39 -30.06 -1.76
C TYR C 307 34.13 -31.20 -2.44
N GLU C 308 33.43 -31.91 -3.32
CA GLU C 308 33.98 -33.05 -4.05
C GLU C 308 35.23 -32.70 -4.84
N ALA D 1 3.89 25.79 -23.36
CA ALA D 1 3.00 25.02 -22.46
C ALA D 1 3.66 23.73 -21.98
N ASN D 2 3.10 22.60 -22.40
CA ASN D 2 3.61 21.28 -22.05
C ASN D 2 2.52 20.27 -22.36
N GLU D 3 2.55 19.13 -21.68
CA GLU D 3 1.55 18.07 -21.87
C GLU D 3 0.16 18.63 -22.14
N PRO D 4 -0.32 18.49 -23.38
CA PRO D 4 -1.65 19.01 -23.75
C PRO D 4 -2.80 18.34 -23.01
N ILE D 5 -3.85 19.11 -22.77
CA ILE D 5 -5.03 18.62 -22.09
C ILE D 5 -5.67 17.52 -22.93
N GLN D 6 -6.05 16.42 -22.29
CA GLN D 6 -6.65 15.30 -23.00
C GLN D 6 -7.84 14.75 -22.22
N PRO D 7 -8.85 14.23 -22.94
CA PRO D 7 -10.06 13.66 -22.32
C PRO D 7 -9.78 12.69 -21.18
N ILE D 8 -10.51 12.87 -20.08
CA ILE D 8 -10.37 12.01 -18.92
C ILE D 8 -11.08 10.70 -19.22
N LYS D 9 -10.33 9.60 -19.26
CA LYS D 9 -10.89 8.29 -19.56
C LYS D 9 -11.64 7.68 -18.38
N ALA D 10 -12.66 6.88 -18.68
CA ALA D 10 -13.45 6.22 -17.66
C ALA D 10 -12.60 5.13 -17.02
N VAL D 11 -12.83 4.89 -15.74
CA VAL D 11 -12.07 3.88 -15.01
C VAL D 11 -12.95 2.79 -14.42
N THR D 12 -12.36 1.61 -14.25
CA THR D 12 -13.03 0.47 -13.67
C THR D 12 -12.08 -0.04 -12.58
N PRO D 13 -12.54 -0.09 -11.33
CA PRO D 13 -11.69 -0.55 -10.22
C PRO D 13 -11.04 -1.90 -10.48
N GLU D 14 -9.79 -2.04 -10.07
CA GLU D 14 -9.07 -3.30 -10.27
C GLU D 14 -9.72 -4.36 -9.38
N ASN D 15 -10.50 -3.89 -8.42
CA ASN D 15 -11.21 -4.76 -7.49
C ASN D 15 -12.52 -4.09 -7.11
N ALA D 16 -13.60 -4.51 -7.73
CA ALA D 16 -14.93 -3.96 -7.48
C ALA D 16 -15.31 -4.03 -6.00
N ASP D 17 -15.03 -5.15 -5.36
CA ASP D 17 -15.37 -5.31 -3.94
C ASP D 17 -14.53 -4.39 -3.05
N MET D 18 -13.28 -4.19 -3.42
CA MET D 18 -12.41 -3.31 -2.64
C MET D 18 -12.95 -1.89 -2.75
N ALA D 19 -13.43 -1.57 -3.94
CA ALA D 19 -13.99 -0.25 -4.21
C ALA D 19 -15.28 -0.02 -3.45
N GLU D 20 -16.11 -1.06 -3.35
CA GLU D 20 -17.38 -0.95 -2.65
C GLU D 20 -17.13 -0.80 -1.16
N LEU D 21 -16.08 -1.47 -0.66
CA LEU D 21 -15.75 -1.38 0.75
C LEU D 21 -15.16 0.01 1.01
N GLY D 22 -14.34 0.49 0.07
CA GLY D 22 -13.75 1.80 0.23
C GLY D 22 -14.79 2.90 0.33
N LYS D 23 -15.78 2.88 -0.56
CA LYS D 23 -16.83 3.89 -0.56
C LYS D 23 -17.56 3.91 0.77
N MET D 24 -17.76 2.73 1.37
CA MET D 24 -18.42 2.64 2.66
C MET D 24 -17.59 3.36 3.72
N LEU D 25 -16.31 3.02 3.79
CA LEU D 25 -15.43 3.66 4.77
C LEU D 25 -15.32 5.16 4.52
N PHE D 26 -15.49 5.56 3.26
CA PHE D 26 -15.39 6.97 2.87
C PHE D 26 -16.56 7.76 3.45
N PHE D 27 -17.70 7.11 3.58
CA PHE D 27 -18.91 7.74 4.12
C PHE D 27 -19.20 7.36 5.57
N ASP D 28 -18.26 6.66 6.20
CA ASP D 28 -18.48 6.23 7.58
C ASP D 28 -17.97 7.24 8.59
N PRO D 29 -18.89 7.96 9.26
CA PRO D 29 -18.52 8.98 10.25
C PRO D 29 -17.96 8.40 11.55
N ARG D 30 -17.90 7.08 11.63
CA ARG D 30 -17.39 6.45 12.85
C ARG D 30 -15.87 6.37 12.91
N LEU D 31 -15.21 6.63 11.79
CA LEU D 31 -13.75 6.60 11.78
C LEU D 31 -13.27 7.81 12.57
N SER D 32 -14.13 8.81 12.72
CA SER D 32 -13.78 10.01 13.46
C SER D 32 -14.06 9.79 14.94
N LYS D 33 -13.44 10.60 15.79
CA LYS D 33 -13.63 10.48 17.22
C LYS D 33 -15.07 10.76 17.65
N SER D 34 -15.64 11.84 17.12
CA SER D 34 -17.00 12.23 17.46
C SER D 34 -18.05 11.38 16.76
N GLY D 35 -17.63 10.60 15.78
CA GLY D 35 -18.57 9.78 15.04
C GLY D 35 -19.51 10.69 14.26
N PHE D 36 -19.03 11.92 14.03
CA PHE D 36 -19.79 12.94 13.33
C PHE D 36 -19.10 13.36 12.02
N ILE D 37 -17.79 13.14 11.94
CA ILE D 37 -17.03 13.52 10.73
C ILE D 37 -16.59 12.33 9.89
N SER D 38 -16.82 12.43 8.58
CA SER D 38 -16.42 11.38 7.64
C SER D 38 -15.70 12.04 6.47
N CYS D 39 -15.09 11.23 5.60
CA CYS D 39 -14.38 11.76 4.44
C CYS D 39 -15.30 12.67 3.65
N ASN D 40 -16.53 12.22 3.44
CA ASN D 40 -17.50 12.99 2.68
C ASN D 40 -17.84 14.32 3.34
N SER D 41 -17.55 14.43 4.64
CA SER D 41 -17.84 15.66 5.38
C SER D 41 -17.05 16.84 4.84
N CYS D 42 -15.79 16.60 4.48
CA CYS D 42 -14.93 17.65 3.95
C CYS D 42 -14.72 17.49 2.46
N HIS D 43 -15.08 16.32 1.95
CA HIS D 43 -14.96 16.01 0.53
C HIS D 43 -16.31 15.48 0.08
N ASN D 44 -17.29 16.38 0.14
CA ASN D 44 -18.67 16.09 -0.21
C ASN D 44 -18.84 15.71 -1.67
N LEU D 45 -19.15 14.44 -1.91
CA LEU D 45 -19.33 13.97 -3.28
C LEU D 45 -20.60 14.46 -3.97
N SER D 46 -21.45 15.16 -3.23
CA SER D 46 -22.67 15.71 -3.81
C SER D 46 -22.39 17.15 -4.23
N MET D 47 -21.29 17.70 -3.72
CA MET D 47 -20.91 19.09 -3.98
C MET D 47 -19.68 19.30 -4.88
N GLY D 48 -18.92 18.24 -5.10
CA GLY D 48 -17.73 18.38 -5.94
C GLY D 48 -16.46 17.90 -5.29
N GLY D 49 -16.58 17.25 -4.13
CA GLY D 49 -15.41 16.72 -3.46
C GLY D 49 -14.71 17.53 -2.38
N THR D 50 -15.30 18.66 -1.97
CA THR D 50 -14.69 19.48 -0.92
C THR D 50 -15.76 19.96 0.06
N ASP D 51 -15.37 20.75 1.07
CA ASP D 51 -16.34 21.26 2.05
C ASP D 51 -16.80 22.66 1.67
N ASN D 52 -16.23 23.20 0.60
CA ASN D 52 -16.59 24.51 0.08
C ASN D 52 -16.57 25.67 1.05
N ILE D 53 -15.59 25.68 1.95
CA ILE D 53 -15.42 26.77 2.92
C ILE D 53 -13.92 27.10 2.96
N THR D 54 -13.56 28.24 3.55
CA THR D 54 -12.15 28.64 3.60
C THR D 54 -11.21 27.57 4.13
N THR D 55 -11.47 27.10 5.35
CA THR D 55 -10.66 26.04 5.94
C THR D 55 -11.61 25.04 6.59
N SER D 56 -11.23 23.78 6.59
CA SER D 56 -12.03 22.70 7.14
C SER D 56 -12.36 22.76 8.61
N ILE D 57 -13.61 22.42 8.94
CA ILE D 57 -14.10 22.39 10.31
C ILE D 57 -13.73 21.03 10.89
N GLY D 58 -13.01 21.01 11.99
CA GLY D 58 -12.61 19.75 12.57
C GLY D 58 -13.34 19.42 13.86
N HIS D 59 -12.87 18.38 14.53
CA HIS D 59 -13.46 17.96 15.79
C HIS D 59 -13.60 19.18 16.69
N LYS D 60 -14.76 19.32 17.34
CA LYS D 60 -15.03 20.45 18.23
C LYS D 60 -15.15 21.78 17.47
N TRP D 61 -15.28 21.70 16.16
CA TRP D 61 -15.41 22.90 15.31
C TRP D 61 -14.12 23.71 15.28
N GLN D 62 -13.00 23.00 15.22
CA GLN D 62 -11.70 23.65 15.15
C GLN D 62 -11.55 24.24 13.74
N GLN D 63 -11.03 25.46 13.66
CA GLN D 63 -10.85 26.10 12.37
C GLN D 63 -9.58 25.57 11.71
N GLY D 64 -9.76 24.85 10.59
CA GLY D 64 -8.64 24.28 9.87
C GLY D 64 -7.59 25.29 9.43
N PRO D 65 -6.38 24.83 9.08
CA PRO D 65 -5.33 25.75 8.66
C PRO D 65 -5.22 25.94 7.14
N ILE D 66 -5.90 25.11 6.36
CA ILE D 66 -5.81 25.23 4.91
C ILE D 66 -7.06 24.69 4.19
N ASN D 67 -7.26 25.15 2.95
CA ASN D 67 -8.41 24.76 2.14
C ASN D 67 -8.33 23.32 1.64
N ALA D 68 -9.42 22.58 1.81
CA ALA D 68 -9.48 21.18 1.39
C ALA D 68 -9.63 21.02 -0.12
N PRO D 69 -8.76 20.21 -0.74
CA PRO D 69 -8.78 19.96 -2.19
C PRO D 69 -9.78 18.85 -2.55
N THR D 70 -10.28 18.88 -3.77
CA THR D 70 -11.24 17.88 -4.22
C THR D 70 -10.57 16.53 -4.45
N VAL D 71 -11.28 15.45 -4.10
CA VAL D 71 -10.74 14.12 -4.30
C VAL D 71 -11.00 13.71 -5.75
N LEU D 72 -11.94 14.40 -6.40
CA LEU D 72 -12.27 14.12 -7.78
C LEU D 72 -11.03 14.24 -8.67
N ASN D 73 -10.66 13.12 -9.29
CA ASN D 73 -9.49 13.04 -10.16
C ASN D 73 -8.16 13.09 -9.41
N SER D 74 -8.22 12.98 -8.09
CA SER D 74 -7.01 13.03 -7.26
C SER D 74 -6.05 11.88 -7.52
N SER D 75 -6.56 10.82 -8.13
CA SER D 75 -5.75 9.65 -8.43
C SER D 75 -4.66 10.00 -9.43
N MET D 76 -4.90 11.06 -10.19
CA MET D 76 -3.96 11.52 -11.22
C MET D 76 -2.83 12.38 -10.66
N ASN D 77 -2.95 12.79 -9.41
CA ASN D 77 -1.92 13.62 -8.78
C ASN D 77 -0.57 12.91 -8.76
N LEU D 78 0.51 13.69 -8.76
CA LEU D 78 1.85 13.12 -8.71
C LEU D 78 2.13 12.78 -7.25
N ALA D 79 1.41 13.47 -6.37
CA ALA D 79 1.52 13.27 -4.92
C ALA D 79 0.24 13.85 -4.31
N GLN D 80 0.05 13.65 -3.01
CA GLN D 80 -1.15 14.15 -2.35
C GLN D 80 -0.83 15.23 -1.33
N PHE D 81 -1.80 16.13 -1.11
CA PHE D 81 -1.67 17.26 -0.19
C PHE D 81 -1.03 18.43 -0.95
N TRP D 82 -1.19 19.64 -0.42
CA TRP D 82 -0.63 20.82 -1.07
C TRP D 82 0.90 20.76 -1.17
N ASP D 83 1.55 20.23 -0.14
CA ASP D 83 3.01 20.12 -0.14
C ASP D 83 3.44 18.72 -0.55
N GLY D 84 2.50 17.94 -1.08
CA GLY D 84 2.79 16.59 -1.53
C GLY D 84 3.55 15.68 -0.59
N ARG D 85 3.39 15.88 0.72
CA ARG D 85 4.08 15.05 1.71
C ARG D 85 3.63 13.59 1.63
N ALA D 86 2.47 13.34 1.04
CA ALA D 86 1.93 11.99 0.93
C ALA D 86 2.31 11.36 -0.40
N LYS D 87 2.85 10.15 -0.34
CA LYS D 87 3.26 9.42 -1.54
C LYS D 87 2.10 9.15 -2.50
N ASP D 88 0.98 8.70 -1.95
CA ASP D 88 -0.20 8.40 -2.74
C ASP D 88 -1.45 8.38 -1.87
N LEU D 89 -2.60 8.22 -2.51
CA LEU D 89 -3.89 8.17 -1.81
C LEU D 89 -3.80 7.32 -0.54
N LYS D 90 -3.13 6.18 -0.66
CA LYS D 90 -2.98 5.25 0.46
C LYS D 90 -2.43 5.94 1.71
N GLU D 91 -1.16 6.34 1.67
CA GLU D 91 -0.55 7.00 2.83
C GLU D 91 -1.31 8.26 3.22
N GLN D 92 -2.00 8.85 2.25
CA GLN D 92 -2.78 10.06 2.47
C GLN D 92 -3.95 9.77 3.40
N ALA D 93 -4.78 8.81 3.01
CA ALA D 93 -5.97 8.42 3.78
C ALA D 93 -5.72 8.23 5.28
N ALA D 94 -4.47 7.94 5.65
CA ALA D 94 -4.15 7.73 7.07
C ALA D 94 -4.04 9.04 7.84
N GLY D 95 -3.84 10.14 7.13
CA GLY D 95 -3.70 11.43 7.78
C GLY D 95 -4.91 11.90 8.57
N PRO D 96 -6.04 12.13 7.90
CA PRO D 96 -7.29 12.59 8.55
C PRO D 96 -7.62 11.85 9.83
N ILE D 97 -7.83 10.55 9.70
CA ILE D 97 -8.19 9.68 10.82
C ILE D 97 -7.43 9.94 12.12
N ALA D 98 -6.14 10.23 12.03
CA ALA D 98 -5.33 10.47 13.22
C ALA D 98 -5.15 11.96 13.52
N ASN D 99 -5.24 12.78 12.49
CA ASN D 99 -5.09 14.23 12.64
C ASN D 99 -6.04 14.76 13.70
N PRO D 100 -5.50 15.29 14.81
CA PRO D 100 -6.33 15.83 15.90
C PRO D 100 -7.20 17.03 15.52
N LYS D 101 -6.76 17.80 14.54
CA LYS D 101 -7.54 18.96 14.12
C LYS D 101 -8.55 18.60 13.04
N GLU D 102 -8.64 17.30 12.75
CA GLU D 102 -9.59 16.81 11.75
C GLU D 102 -10.48 15.75 12.38
N MET D 103 -10.33 14.50 11.96
CA MET D 103 -11.16 13.42 12.51
C MET D 103 -10.82 13.18 13.98
N ALA D 104 -9.62 13.60 14.39
CA ALA D 104 -9.16 13.47 15.76
C ALA D 104 -9.20 12.09 16.40
N SER D 105 -9.19 11.05 15.58
CA SER D 105 -9.23 9.68 16.10
C SER D 105 -7.83 9.08 16.09
N THR D 106 -7.74 7.76 16.22
CA THR D 106 -6.46 7.04 16.21
C THR D 106 -6.60 5.81 15.32
N HIS D 107 -5.47 5.27 14.86
CA HIS D 107 -5.50 4.09 14.00
C HIS D 107 -5.94 2.84 14.75
N GLU D 108 -5.54 2.72 16.01
CA GLU D 108 -5.91 1.56 16.81
C GLU D 108 -7.42 1.54 17.06
N ILE D 109 -7.99 2.73 17.29
CA ILE D 109 -9.43 2.83 17.54
C ILE D 109 -10.20 2.61 16.23
N ALA D 110 -9.74 3.26 15.17
CA ALA D 110 -10.40 3.11 13.87
C ALA D 110 -10.52 1.62 13.54
N GLU D 111 -9.42 0.89 13.69
CA GLU D 111 -9.38 -0.54 13.43
C GLU D 111 -10.34 -1.27 14.36
N LYS D 112 -10.36 -0.84 15.62
CA LYS D 112 -11.24 -1.43 16.63
C LYS D 112 -12.70 -1.26 16.23
N VAL D 113 -13.09 0.00 15.98
CA VAL D 113 -14.44 0.34 15.59
C VAL D 113 -14.96 -0.47 14.40
N VAL D 114 -14.22 -0.43 13.30
CA VAL D 114 -14.61 -1.15 12.09
C VAL D 114 -14.61 -2.66 12.27
N ALA D 115 -13.79 -3.15 13.18
CA ALA D 115 -13.67 -4.59 13.43
C ALA D 115 -14.89 -5.15 14.19
N SER D 116 -15.37 -4.40 15.17
CA SER D 116 -16.51 -4.84 15.98
C SER D 116 -17.75 -5.19 15.15
N MET D 117 -17.83 -4.66 13.94
CA MET D 117 -18.98 -4.92 13.07
C MET D 117 -18.75 -6.09 12.10
N PRO D 118 -19.49 -7.19 12.31
CA PRO D 118 -19.40 -8.40 11.49
C PRO D 118 -19.54 -8.14 9.99
N GLN D 119 -20.52 -7.33 9.61
CA GLN D 119 -20.76 -7.01 8.21
C GLN D 119 -19.50 -6.44 7.55
N TYR D 120 -18.66 -5.79 8.32
CA TYR D 120 -17.41 -5.23 7.79
C TYR D 120 -16.35 -6.32 7.68
N ARG D 121 -16.17 -7.08 8.76
CA ARG D 121 -15.20 -8.16 8.76
C ARG D 121 -15.47 -9.11 7.60
N GLU D 122 -16.74 -9.31 7.28
CA GLU D 122 -17.11 -10.19 6.18
C GLU D 122 -16.66 -9.60 4.85
N ARG D 123 -16.67 -8.27 4.76
CA ARG D 123 -16.23 -7.62 3.53
C ARG D 123 -14.71 -7.66 3.42
N PHE D 124 -14.03 -7.46 4.55
CA PHE D 124 -12.58 -7.48 4.56
C PHE D 124 -12.03 -8.87 4.22
N LYS D 125 -12.70 -9.91 4.71
CA LYS D 125 -12.25 -11.26 4.43
C LYS D 125 -12.40 -11.61 2.96
N LYS D 126 -13.50 -11.15 2.35
CA LYS D 126 -13.76 -11.43 0.94
C LYS D 126 -12.87 -10.62 -0.01
N VAL D 127 -12.25 -9.56 0.50
CA VAL D 127 -11.39 -8.73 -0.34
C VAL D 127 -9.90 -8.97 -0.07
N PHE D 128 -9.55 -9.21 1.18
CA PHE D 128 -8.15 -9.44 1.55
C PHE D 128 -7.84 -10.84 2.05
N GLY D 129 -8.77 -11.77 1.84
CA GLY D 129 -8.55 -13.13 2.28
C GLY D 129 -8.71 -13.30 3.79
N SER D 130 -8.30 -12.28 4.54
CA SER D 130 -8.40 -12.30 5.99
C SER D 130 -9.56 -11.40 6.43
N ASP D 131 -10.17 -11.74 7.56
CA ASP D 131 -11.30 -10.98 8.08
C ASP D 131 -10.86 -9.72 8.83
N GLU D 132 -9.79 -9.84 9.61
CA GLU D 132 -9.29 -8.73 10.40
C GLU D 132 -9.06 -7.44 9.63
N VAL D 133 -9.31 -6.32 10.31
CA VAL D 133 -9.15 -5.00 9.72
C VAL D 133 -7.85 -4.36 10.18
N THR D 134 -7.15 -3.71 9.24
CA THR D 134 -5.90 -3.04 9.53
C THR D 134 -5.91 -1.66 8.88
N ILE D 135 -5.28 -0.70 9.53
CA ILE D 135 -5.22 0.65 9.00
C ILE D 135 -4.69 0.58 7.56
N ASP D 136 -3.85 -0.42 7.29
CA ASP D 136 -3.28 -0.62 5.96
C ASP D 136 -4.37 -1.01 4.96
N ARG D 137 -5.22 -1.97 5.35
CA ARG D 137 -6.30 -2.42 4.48
C ARG D 137 -7.37 -1.34 4.37
N ILE D 138 -7.53 -0.56 5.42
CA ILE D 138 -8.51 0.52 5.43
C ILE D 138 -8.18 1.52 4.34
N THR D 139 -6.94 2.01 4.38
CA THR D 139 -6.47 2.98 3.40
C THR D 139 -6.40 2.47 1.96
N THR D 140 -6.02 1.20 1.79
CA THR D 140 -5.92 0.65 0.44
C THR D 140 -7.30 0.57 -0.19
N ALA D 141 -8.31 0.27 0.63
CA ALA D 141 -9.68 0.17 0.15
C ALA D 141 -10.16 1.55 -0.26
N ILE D 142 -9.96 2.52 0.64
CA ILE D 142 -10.37 3.89 0.37
C ILE D 142 -9.73 4.37 -0.93
N ALA D 143 -8.41 4.20 -1.02
CA ALA D 143 -7.67 4.60 -2.21
C ALA D 143 -8.30 3.95 -3.44
N GLN D 144 -8.65 2.68 -3.30
CA GLN D 144 -9.26 1.91 -4.39
C GLN D 144 -10.54 2.61 -4.85
N PHE D 145 -11.33 3.09 -3.89
CA PHE D 145 -12.58 3.78 -4.19
C PHE D 145 -12.30 5.11 -4.88
N GLU D 146 -11.38 5.88 -4.32
CA GLU D 146 -11.03 7.18 -4.88
C GLU D 146 -10.54 7.06 -6.32
N GLU D 147 -9.95 5.92 -6.65
CA GLU D 147 -9.46 5.69 -8.00
C GLU D 147 -10.60 5.78 -9.01
N THR D 148 -11.81 5.47 -8.55
CA THR D 148 -12.98 5.51 -9.43
C THR D 148 -13.59 6.91 -9.47
N LEU D 149 -13.05 7.80 -8.64
CA LEU D 149 -13.57 9.16 -8.57
C LEU D 149 -13.06 10.08 -9.68
N VAL D 150 -13.00 9.57 -10.90
CA VAL D 150 -12.57 10.36 -12.04
C VAL D 150 -13.85 10.97 -12.61
N THR D 151 -13.72 12.04 -13.39
CA THR D 151 -14.91 12.67 -13.94
C THR D 151 -14.86 12.92 -15.45
N PRO D 152 -15.07 11.86 -16.24
CA PRO D 152 -15.05 12.01 -17.70
C PRO D 152 -16.36 12.63 -18.18
N GLY D 153 -16.39 13.04 -19.44
CA GLY D 153 -17.63 13.61 -19.98
C GLY D 153 -17.75 15.12 -20.00
N SER D 154 -16.71 15.84 -19.58
CA SER D 154 -16.76 17.31 -19.58
C SER D 154 -17.06 17.83 -20.97
N LYS D 155 -17.80 18.92 -21.05
CA LYS D 155 -18.15 19.51 -22.34
C LYS D 155 -16.89 19.86 -23.15
N PHE D 156 -15.76 19.94 -22.45
CA PHE D 156 -14.49 20.24 -23.11
C PHE D 156 -13.90 18.98 -23.72
N ASP D 157 -13.98 17.88 -22.97
CA ASP D 157 -13.47 16.61 -23.45
C ASP D 157 -14.20 16.16 -24.70
N LYS D 158 -15.50 16.43 -24.75
CA LYS D 158 -16.30 16.07 -25.90
C LYS D 158 -15.85 16.88 -27.12
N TRP D 159 -15.40 18.10 -26.86
CA TRP D 159 -14.90 18.96 -27.92
C TRP D 159 -13.63 18.32 -28.47
N LEU D 160 -12.70 18.01 -27.56
CA LEU D 160 -11.44 17.39 -27.94
C LEU D 160 -11.65 16.06 -28.67
N GLU D 161 -12.75 15.38 -28.36
CA GLU D 161 -13.06 14.10 -28.98
C GLU D 161 -13.60 14.25 -30.40
N GLY D 162 -14.04 15.46 -30.74
CA GLY D 162 -14.55 15.68 -32.07
C GLY D 162 -15.89 16.40 -32.13
N ASP D 163 -16.52 16.56 -30.97
CA ASP D 163 -17.83 17.22 -30.91
C ASP D 163 -17.68 18.72 -31.12
N LYS D 164 -18.14 19.20 -32.26
CA LYS D 164 -18.05 20.61 -32.60
C LYS D 164 -19.15 21.48 -32.01
N ASN D 165 -20.04 20.88 -31.23
CA ASN D 165 -21.12 21.63 -30.60
C ASN D 165 -20.81 21.79 -29.12
N ALA D 166 -19.73 21.16 -28.68
CA ALA D 166 -19.32 21.21 -27.28
C ALA D 166 -19.21 22.63 -26.75
N LEU D 167 -18.27 23.41 -27.29
CA LEU D 167 -18.06 24.77 -26.84
C LEU D 167 -18.67 25.84 -27.75
N ASN D 168 -19.08 26.95 -27.16
CA ASN D 168 -19.64 28.06 -27.92
C ASN D 168 -18.47 29.01 -28.19
N GLN D 169 -18.73 30.14 -28.85
CA GLN D 169 -17.65 31.06 -29.16
C GLN D 169 -16.92 31.59 -27.93
N ASP D 170 -17.68 32.01 -26.92
CA ASP D 170 -17.08 32.53 -25.69
C ASP D 170 -16.16 31.51 -25.03
N GLU D 171 -16.65 30.27 -24.95
CA GLU D 171 -15.88 29.20 -24.35
C GLU D 171 -14.62 28.91 -25.15
N LEU D 172 -14.75 28.83 -26.46
CA LEU D 172 -13.63 28.58 -27.35
C LEU D 172 -12.55 29.66 -27.19
N GLU D 173 -12.99 30.91 -27.25
CA GLU D 173 -12.05 32.03 -27.11
C GLU D 173 -11.37 31.92 -25.74
N GLY D 174 -12.09 31.40 -24.76
CA GLY D 174 -11.55 31.24 -23.43
C GLY D 174 -10.40 30.25 -23.42
N TYR D 175 -10.54 29.17 -24.20
CA TYR D 175 -9.50 28.17 -24.28
C TYR D 175 -8.27 28.73 -25.01
N ASN D 176 -8.51 29.46 -26.09
CA ASN D 176 -7.42 30.05 -26.86
C ASN D 176 -6.61 31.01 -26.00
N LEU D 177 -7.29 31.71 -25.10
CA LEU D 177 -6.63 32.66 -24.22
C LEU D 177 -5.91 31.89 -23.13
N PHE D 178 -6.54 30.82 -22.65
CA PHE D 178 -5.95 29.99 -21.60
C PHE D 178 -4.63 29.44 -22.13
N LYS D 179 -4.69 28.90 -23.34
CA LYS D 179 -3.50 28.32 -23.97
C LYS D 179 -2.50 29.40 -24.37
N GLY D 180 -2.98 30.43 -25.05
CA GLY D 180 -2.12 31.52 -25.51
C GLY D 180 -1.42 32.30 -24.43
N SER D 181 -2.09 32.49 -23.29
CA SER D 181 -1.51 33.24 -22.18
C SER D 181 -0.39 32.47 -21.48
N GLY D 182 -0.43 31.15 -21.59
CA GLY D 182 0.58 30.33 -20.95
C GLY D 182 0.13 29.64 -19.68
N CYS D 183 -1.18 29.59 -19.44
CA CYS D 183 -1.70 28.93 -18.24
C CYS D 183 -1.35 27.45 -18.33
N VAL D 184 -1.49 26.89 -19.54
CA VAL D 184 -1.22 25.48 -19.80
C VAL D 184 0.23 25.11 -19.49
N GLN D 185 0.99 26.09 -19.02
CA GLN D 185 2.38 25.88 -18.66
C GLN D 185 2.47 25.00 -17.42
N CYS D 186 1.50 25.17 -16.52
CA CYS D 186 1.47 24.40 -15.27
C CYS D 186 0.20 23.56 -15.16
N HIS D 187 -0.87 24.05 -15.77
CA HIS D 187 -2.15 23.34 -15.74
C HIS D 187 -2.22 22.56 -17.05
N ASN D 188 -1.53 21.43 -17.09
CA ASN D 188 -1.49 20.59 -18.29
C ASN D 188 -2.04 19.19 -18.08
N GLY D 189 -2.01 18.39 -19.14
CA GLY D 189 -2.48 17.03 -19.06
C GLY D 189 -3.99 16.87 -19.00
N PRO D 190 -4.48 15.64 -18.74
CA PRO D 190 -5.91 15.36 -18.64
C PRO D 190 -6.52 15.94 -17.37
N ALA D 191 -5.65 16.28 -16.41
CA ALA D 191 -6.10 16.85 -15.14
C ALA D 191 -6.01 18.37 -15.15
N VAL D 192 -5.43 18.93 -16.21
CA VAL D 192 -5.27 20.38 -16.32
C VAL D 192 -4.66 20.88 -15.01
N GLY D 193 -3.64 20.16 -14.56
CA GLY D 193 -2.97 20.50 -13.32
C GLY D 193 -2.69 19.23 -12.54
N GLY D 194 -2.00 19.35 -11.41
CA GLY D 194 -1.71 18.20 -10.59
C GLY D 194 -0.62 17.28 -11.12
N SER D 195 0.31 17.82 -11.90
CA SER D 195 1.39 17.01 -12.45
C SER D 195 2.77 17.53 -12.05
N SER D 196 2.81 18.66 -11.37
CA SER D 196 4.09 19.24 -10.95
C SER D 196 3.94 20.24 -9.83
N TYR D 197 5.06 20.79 -9.38
CA TYR D 197 5.07 21.79 -8.33
C TYR D 197 5.46 23.12 -8.96
N GLN D 198 4.78 24.19 -8.56
CA GLN D 198 5.07 25.51 -9.08
C GLN D 198 4.95 26.55 -7.98
N LYS D 199 5.82 27.55 -8.01
CA LYS D 199 5.80 28.60 -7.01
C LYS D 199 4.50 29.39 -7.10
N MET D 200 3.93 29.74 -5.95
CA MET D 200 2.71 30.54 -5.93
C MET D 200 3.19 31.97 -5.79
N GLY D 201 3.18 32.71 -6.89
CA GLY D 201 3.64 34.08 -6.88
C GLY D 201 5.00 34.16 -7.56
N VAL D 202 5.04 33.85 -8.84
CA VAL D 202 6.28 33.86 -9.60
C VAL D 202 6.84 35.28 -9.80
N PHE D 203 6.03 36.17 -10.35
CA PHE D 203 6.49 37.54 -10.58
C PHE D 203 6.18 38.48 -9.43
N LYS D 204 5.16 38.15 -8.64
CA LYS D 204 4.78 38.96 -7.50
C LYS D 204 4.26 38.04 -6.39
N PRO D 205 4.50 38.40 -5.14
CA PRO D 205 4.03 37.56 -4.03
C PRO D 205 2.52 37.51 -3.90
N TYR D 206 2.02 36.37 -3.44
CA TYR D 206 0.58 36.19 -3.23
C TYR D 206 0.31 36.68 -1.81
N GLU D 207 -0.48 37.74 -1.70
CA GLU D 207 -0.79 38.32 -0.40
C GLU D 207 -1.77 37.45 0.39
N THR D 208 -1.37 37.06 1.58
CA THR D 208 -2.22 36.23 2.44
C THR D 208 -1.68 36.24 3.86
N LYS D 209 -2.58 36.18 4.83
CA LYS D 209 -2.17 36.16 6.23
C LYS D 209 -2.02 34.72 6.69
N ASN D 210 -2.31 33.79 5.78
CA ASN D 210 -2.22 32.37 6.08
C ASN D 210 -0.76 31.92 6.18
N PRO D 211 -0.31 31.57 7.39
CA PRO D 211 1.06 31.11 7.62
C PRO D 211 1.27 29.70 7.10
N ALA D 212 1.69 29.58 5.85
CA ALA D 212 1.93 28.27 5.26
C ALA D 212 2.99 28.36 4.17
N ALA D 213 4.10 27.66 4.37
CA ALA D 213 5.20 27.67 3.40
C ALA D 213 4.98 26.68 2.28
N GLY D 214 4.27 25.60 2.57
CA GLY D 214 4.00 24.60 1.56
C GLY D 214 5.10 23.58 1.37
N ARG D 215 5.48 23.36 0.11
CA ARG D 215 6.52 22.38 -0.23
C ARG D 215 7.82 22.55 0.54
N MET D 216 7.93 23.61 1.33
CA MET D 216 9.14 23.81 2.11
C MET D 216 9.13 22.93 3.34
N ASP D 217 7.98 22.83 3.99
CA ASP D 217 7.84 22.02 5.18
C ASP D 217 8.31 20.58 4.93
N VAL D 218 8.34 20.17 3.67
CA VAL D 218 8.76 18.82 3.32
C VAL D 218 10.24 18.75 2.95
N THR D 219 10.76 19.78 2.30
CA THR D 219 12.17 19.80 1.88
C THR D 219 13.06 20.61 2.82
N GLY D 220 12.65 21.84 3.12
CA GLY D 220 13.45 22.67 4.00
C GLY D 220 14.19 23.76 3.24
N ASN D 221 14.19 23.65 1.91
CA ASN D 221 14.87 24.62 1.05
C ASN D 221 14.05 25.90 0.90
N GLU D 222 14.73 27.04 0.99
CA GLU D 222 14.09 28.35 0.86
C GLU D 222 13.53 28.49 -0.55
N ALA D 223 14.16 27.81 -1.50
CA ALA D 223 13.74 27.85 -2.89
C ALA D 223 12.36 27.21 -3.00
N ASP D 224 11.93 26.56 -1.93
CA ASP D 224 10.64 25.90 -1.90
C ASP D 224 9.54 26.71 -1.23
N ARG D 225 9.92 27.61 -0.32
CA ARG D 225 8.93 28.43 0.38
C ARG D 225 7.92 28.99 -0.62
N ASN D 226 6.63 28.79 -0.33
CA ASN D 226 5.55 29.26 -1.18
C ASN D 226 5.35 28.53 -2.49
N VAL D 227 5.87 27.31 -2.61
CA VAL D 227 5.67 26.54 -3.83
C VAL D 227 4.71 25.41 -3.47
N PHE D 228 3.65 25.26 -4.26
CA PHE D 228 2.65 24.23 -3.99
C PHE D 228 2.38 23.34 -5.20
N LYS D 229 1.74 22.21 -4.94
CA LYS D 229 1.38 21.30 -6.00
C LYS D 229 0.33 22.01 -6.84
N VAL D 230 0.45 21.89 -8.16
CA VAL D 230 -0.51 22.53 -9.05
C VAL D 230 -1.83 21.78 -8.98
N PRO D 231 -2.89 22.44 -8.51
CA PRO D 231 -4.18 21.75 -8.42
C PRO D 231 -4.87 21.60 -9.77
N THR D 232 -5.71 20.57 -9.88
CA THR D 232 -6.45 20.33 -11.12
C THR D 232 -7.51 21.40 -11.31
N LEU D 233 -7.78 21.74 -12.56
CA LEU D 233 -8.81 22.74 -12.84
C LEU D 233 -10.08 22.03 -13.28
N ARG D 234 -10.07 20.70 -13.17
CA ARG D 234 -11.25 19.91 -13.52
C ARG D 234 -12.26 20.14 -12.40
N ASN D 235 -13.50 20.42 -12.78
CA ASN D 235 -14.58 20.68 -11.82
C ASN D 235 -14.27 21.90 -10.95
N ILE D 236 -13.32 22.72 -11.38
CA ILE D 236 -12.94 23.91 -10.62
C ILE D 236 -14.17 24.72 -10.25
N GLU D 237 -15.19 24.64 -11.10
CA GLU D 237 -16.45 25.35 -10.89
C GLU D 237 -17.17 24.92 -9.61
N LEU D 238 -16.86 23.72 -9.13
CA LEU D 238 -17.52 23.18 -7.94
C LEU D 238 -16.67 23.16 -6.68
N THR D 239 -15.45 23.66 -6.72
CA THR D 239 -14.60 23.61 -5.55
C THR D 239 -14.24 24.92 -4.87
N TYR D 240 -15.04 25.95 -5.07
CA TYR D 240 -14.81 27.26 -4.44
C TYR D 240 -14.82 27.09 -2.92
N PRO D 241 -14.16 28.00 -2.17
CA PRO D 241 -13.40 29.17 -2.61
C PRO D 241 -12.07 28.68 -3.18
N TYR D 242 -11.24 29.58 -3.67
CA TYR D 242 -9.99 29.13 -4.28
C TYR D 242 -8.68 29.49 -3.59
N PHE D 243 -7.64 28.73 -3.94
CA PHE D 243 -6.29 28.88 -3.39
C PHE D 243 -6.21 28.23 -2.01
N HIS D 244 -5.00 27.85 -1.59
CA HIS D 244 -4.82 27.17 -0.32
C HIS D 244 -5.36 27.86 0.93
N ASP D 245 -5.61 29.16 0.85
CA ASP D 245 -6.15 29.86 2.02
C ASP D 245 -7.63 30.18 1.81
N GLY D 246 -8.17 29.75 0.67
CA GLY D 246 -9.57 30.00 0.36
C GLY D 246 -9.80 31.48 0.20
N GLY D 247 -8.73 32.20 -0.11
CA GLY D 247 -8.78 33.64 -0.26
C GLY D 247 -9.56 34.24 -1.40
N ALA D 248 -9.78 33.47 -2.46
CA ALA D 248 -10.52 33.97 -3.62
C ALA D 248 -11.89 33.27 -3.71
N ALA D 249 -12.96 34.05 -3.54
CA ALA D 249 -14.30 33.51 -3.57
C ALA D 249 -14.82 33.19 -4.97
N THR D 250 -14.41 33.99 -5.96
CA THR D 250 -14.89 33.79 -7.33
C THR D 250 -13.79 33.42 -8.33
N LEU D 251 -14.18 32.72 -9.39
CA LEU D 251 -13.24 32.30 -10.43
C LEU D 251 -12.66 33.51 -11.15
N GLU D 252 -13.46 34.57 -11.29
CA GLU D 252 -12.99 35.77 -11.95
C GLU D 252 -11.77 36.35 -11.22
N GLN D 253 -11.75 36.22 -9.90
CA GLN D 253 -10.64 36.74 -9.11
C GLN D 253 -9.42 35.82 -9.13
N ALA D 254 -9.67 34.52 -9.05
CA ALA D 254 -8.57 33.55 -9.07
C ALA D 254 -7.84 33.61 -10.40
N VAL D 255 -8.60 33.79 -11.48
CA VAL D 255 -8.01 33.88 -12.81
C VAL D 255 -7.20 35.17 -12.93
N GLU D 256 -7.76 36.29 -12.49
CA GLU D 256 -7.06 37.55 -12.56
C GLU D 256 -5.75 37.47 -11.78
N THR D 257 -5.82 36.92 -10.57
CA THR D 257 -4.65 36.78 -9.73
C THR D 257 -3.59 35.88 -10.37
N MET D 258 -4.03 34.75 -10.92
CA MET D 258 -3.12 33.81 -11.56
C MET D 258 -2.38 34.45 -12.73
N GLY D 259 -3.12 35.13 -13.60
CA GLY D 259 -2.49 35.77 -14.73
C GLY D 259 -1.45 36.79 -14.27
N ARG D 260 -1.87 37.63 -13.34
CA ARG D 260 -1.01 38.68 -12.79
C ARG D 260 0.28 38.24 -12.13
N ILE D 261 0.18 37.44 -11.08
CA ILE D 261 1.38 37.00 -10.36
C ILE D 261 2.11 35.77 -10.91
N GLN D 262 1.45 35.01 -11.77
CA GLN D 262 2.09 33.82 -12.33
C GLN D 262 2.60 34.06 -13.73
N LEU D 263 1.90 34.89 -14.50
CA LEU D 263 2.31 35.17 -15.87
C LEU D 263 2.57 36.65 -16.11
N ASN D 264 2.43 37.45 -15.06
CA ASN D 264 2.66 38.88 -15.18
C ASN D 264 1.81 39.45 -16.31
N ARG D 265 0.58 38.93 -16.42
CA ARG D 265 -0.38 39.34 -17.45
C ARG D 265 -1.64 39.95 -16.84
N GLU D 266 -2.10 41.05 -17.41
CA GLU D 266 -3.30 41.74 -16.94
C GLU D 266 -4.48 41.53 -17.88
N PHE D 267 -5.36 40.61 -17.54
CA PHE D 267 -6.53 40.35 -18.38
C PHE D 267 -7.58 41.42 -18.13
N ASN D 268 -8.31 41.79 -19.17
CA ASN D 268 -9.37 42.78 -19.02
C ASN D 268 -10.60 41.96 -18.63
N LYS D 269 -11.69 42.63 -18.29
CA LYS D 269 -12.89 41.91 -17.87
C LYS D 269 -13.43 40.92 -18.91
N ASP D 270 -13.47 41.34 -20.16
CA ASP D 270 -13.97 40.49 -21.23
C ASP D 270 -13.14 39.20 -21.33
N GLU D 271 -11.81 39.35 -21.24
CA GLU D 271 -10.90 38.21 -21.32
C GLU D 271 -11.10 37.24 -20.16
N VAL D 272 -11.21 37.78 -18.95
CA VAL D 272 -11.42 36.93 -17.78
C VAL D 272 -12.73 36.17 -17.95
N SER D 273 -13.78 36.91 -18.31
CA SER D 273 -15.10 36.33 -18.50
C SER D 273 -15.08 35.14 -19.47
N LYS D 274 -14.18 35.20 -20.43
CA LYS D 274 -14.07 34.12 -21.41
C LYS D 274 -13.30 32.94 -20.84
N ILE D 275 -12.26 33.21 -20.07
CA ILE D 275 -11.48 32.12 -19.47
C ILE D 275 -12.32 31.42 -18.43
N VAL D 276 -13.13 32.18 -17.71
CA VAL D 276 -13.98 31.61 -16.68
C VAL D 276 -15.01 30.72 -17.38
N ALA D 277 -15.47 31.15 -18.55
CA ALA D 277 -16.43 30.36 -19.30
C ALA D 277 -15.79 29.03 -19.65
N PHE D 278 -14.56 29.09 -20.16
CA PHE D 278 -13.83 27.88 -20.53
C PHE D 278 -13.66 26.93 -19.35
N LEU D 279 -13.20 27.46 -18.23
CA LEU D 279 -12.98 26.64 -17.03
C LEU D 279 -14.23 25.87 -16.58
N LYS D 280 -15.40 26.44 -16.84
CA LYS D 280 -16.65 25.78 -16.45
C LYS D 280 -16.96 24.59 -17.36
N THR D 281 -16.29 24.51 -18.51
CA THR D 281 -16.50 23.39 -19.42
C THR D 281 -15.60 22.23 -19.02
N LEU D 282 -14.92 22.39 -17.88
CA LEU D 282 -14.03 21.36 -17.36
C LEU D 282 -14.74 20.55 -16.27
N THR D 283 -16.01 20.86 -16.05
CA THR D 283 -16.80 20.14 -15.05
C THR D 283 -17.27 18.86 -15.74
N GLY D 284 -16.86 17.70 -15.21
CA GLY D 284 -17.25 16.45 -15.82
C GLY D 284 -18.44 15.78 -15.18
N ASP D 285 -18.63 14.49 -15.49
CA ASP D 285 -19.72 13.70 -14.92
C ASP D 285 -19.39 13.41 -13.46
N GLN D 286 -20.30 13.75 -12.56
CA GLN D 286 -20.09 13.53 -11.13
C GLN D 286 -20.37 12.08 -10.74
N PRO D 287 -19.83 11.64 -9.59
CA PRO D 287 -20.02 10.26 -9.12
C PRO D 287 -21.47 9.78 -9.28
N ASP D 288 -21.64 8.56 -9.76
CA ASP D 288 -22.96 8.00 -9.96
C ASP D 288 -23.10 6.63 -9.32
N PHE D 289 -23.45 6.62 -8.03
CA PHE D 289 -23.62 5.38 -7.29
C PHE D 289 -24.68 5.57 -6.22
N LYS D 290 -25.16 4.46 -5.67
CA LYS D 290 -26.18 4.54 -4.63
C LYS D 290 -25.61 4.94 -3.29
N LEU D 291 -26.41 5.67 -2.51
CA LEU D 291 -25.98 6.10 -1.19
C LEU D 291 -25.61 4.83 -0.43
N PRO D 292 -24.40 4.77 0.13
CA PRO D 292 -23.94 3.60 0.87
C PRO D 292 -24.66 3.36 2.19
N ILE D 293 -25.15 2.14 2.36
CA ILE D 293 -25.84 1.74 3.58
C ILE D 293 -24.78 1.09 4.47
N LEU D 294 -24.52 1.69 5.62
CA LEU D 294 -23.49 1.18 6.53
C LEU D 294 -23.99 0.28 7.64
N PRO D 295 -23.12 -0.65 8.09
CA PRO D 295 -23.43 -1.60 9.16
C PRO D 295 -23.65 -0.85 10.47
N PRO D 296 -24.59 -1.34 11.30
CA PRO D 296 -24.91 -0.72 12.59
C PRO D 296 -23.88 -1.04 13.67
N SER D 297 -23.55 -0.05 14.48
CA SER D 297 -22.60 -0.26 15.56
C SER D 297 -23.29 -1.14 16.60
N ASN D 298 -22.53 -1.99 17.28
CA ASN D 298 -23.11 -2.87 18.30
C ASN D 298 -22.54 -2.57 19.68
N ASN D 299 -22.88 -3.42 20.65
CA ASN D 299 -22.43 -3.25 22.02
C ASN D 299 -20.91 -3.36 22.17
N ASP D 300 -20.25 -3.91 21.15
CA ASP D 300 -18.80 -4.07 21.17
C ASP D 300 -18.10 -2.91 20.46
N THR D 301 -18.89 -2.02 19.89
CA THR D 301 -18.35 -0.86 19.17
C THR D 301 -18.05 0.28 20.15
N PRO D 302 -16.79 0.72 20.20
CA PRO D 302 -16.42 1.81 21.11
C PRO D 302 -17.28 3.05 20.83
N ARG D 303 -17.99 3.51 21.86
CA ARG D 303 -18.89 4.66 21.76
C ARG D 303 -18.24 5.94 21.27
N SER D 304 -19.04 6.76 20.58
CA SER D 304 -18.57 8.03 20.04
C SER D 304 -18.32 9.03 21.17
N GLN D 305 -17.41 9.97 20.93
CA GLN D 305 -17.08 11.00 21.90
C GLN D 305 -17.17 12.36 21.24
N PRO D 306 -18.40 12.89 21.11
CA PRO D 306 -18.61 14.20 20.49
C PRO D 306 -18.33 15.39 21.40
N TYR D 307 -18.55 15.24 22.70
CA TYR D 307 -18.34 16.35 23.61
C TYR D 307 -17.21 16.21 24.61
N GLU D 308 -16.71 15.00 24.81
CA GLU D 308 -15.67 14.83 25.82
C GLU D 308 -14.29 14.90 25.17
#